data_1M5S
#
_entry.id   1M5S
#
_cell.length_a   127.100
_cell.length_b   83.800
_cell.length_c   126.400
_cell.angle_alpha   90.00
_cell.angle_beta   108.40
_cell.angle_gamma   90.00
#
_symmetry.space_group_name_H-M   'C 1 2 1'
#
loop_
_entity.id
_entity.type
_entity.pdbx_description
1 polymer 'Formylmethanofuran--tetrahydromethanopterin formyltransferase'
2 water water
#
_entity_poly.entity_id   1
_entity_poly.type   'polypeptide(L)'
_entity_poly.pdbx_seq_one_letter_code
;MEINGVEIEDTYAEAFPIKIARVLITAATKRWALVAATEATGFATSVIMCPAEAGIERLASPSETPDGRPGVYVQICTFK
YEALEEQLLERIGQCVLTAPTTAVFNGLPEAEKQDNVGFKLKFFADGMESETQIAGRKVYKVPIMEGDFLAEENIGAIAG
IAGGNFFIFGDSQMTALTAAEAAVDTIAELEGTITPFPGGIVASGSKSGANKYKFLKATANERFCPSIKDKIENTEIPAD
VNAVYEIVINGLDEESIKAAMKAGIKAAVTVPGVKKISAGNYGGKLGKYQFKLHELF
;
_entity_poly.pdbx_strand_id   A,B,C,D
#
# COMPACT_ATOMS: atom_id res chain seq x y z
N MET A 1 32.28 -20.17 0.51
CA MET A 1 30.86 -20.47 0.17
C MET A 1 30.25 -19.33 -0.64
N GLU A 2 29.54 -19.69 -1.70
CA GLU A 2 28.75 -18.74 -2.47
C GLU A 2 27.33 -19.27 -2.60
N ILE A 3 26.37 -18.37 -2.45
CA ILE A 3 24.99 -18.68 -2.83
C ILE A 3 24.59 -17.77 -3.99
N ASN A 4 24.20 -18.40 -5.09
CA ASN A 4 23.84 -17.70 -6.31
C ASN A 4 24.99 -16.83 -6.78
N GLY A 5 26.22 -17.31 -6.55
CA GLY A 5 27.41 -16.59 -6.97
C GLY A 5 27.85 -15.52 -6.00
N VAL A 6 27.05 -15.28 -4.96
CA VAL A 6 27.38 -14.27 -3.97
C VAL A 6 28.20 -14.89 -2.84
N GLU A 7 29.39 -14.32 -2.61
CA GLU A 7 30.24 -14.76 -1.51
C GLU A 7 29.58 -14.58 -0.14
N ILE A 8 29.46 -15.69 0.58
CA ILE A 8 29.03 -15.66 1.99
C ILE A 8 30.26 -15.73 2.88
N GLU A 9 30.54 -14.63 3.58
CA GLU A 9 31.67 -14.57 4.50
C GLU A 9 31.57 -15.62 5.61
N ASP A 10 32.70 -16.23 5.95
CA ASP A 10 32.77 -17.16 7.06
C ASP A 10 32.98 -16.36 8.33
N THR A 11 31.91 -15.68 8.74
CA THR A 11 31.90 -14.91 9.98
C THR A 11 30.60 -15.24 10.74
N TYR A 12 30.35 -14.50 11.80
CA TYR A 12 29.15 -14.74 12.62
C TYR A 12 28.56 -13.43 13.12
N ALA A 13 27.25 -13.45 13.33
CA ALA A 13 26.57 -12.35 14.01
C ALA A 13 26.66 -12.56 15.52
N GLU A 14 26.87 -11.45 16.24
CA GLU A 14 26.96 -11.45 17.69
C GLU A 14 25.67 -10.85 18.27
N ALA A 15 24.92 -11.68 18.96
CA ALA A 15 23.62 -11.29 19.51
C ALA A 15 23.59 -11.24 21.04
N PHE A 16 22.74 -10.35 21.57
CA PHE A 16 22.59 -10.11 23.01
C PHE A 16 21.27 -10.66 23.53
N PRO A 17 21.20 -11.00 24.84
CA PRO A 17 19.90 -11.34 25.41
C PRO A 17 19.02 -10.09 25.58
N ILE A 18 17.71 -10.28 25.41
CA ILE A 18 16.75 -9.19 25.61
C ILE A 18 15.40 -9.76 26.07
N LYS A 19 14.58 -8.91 26.67
CA LYS A 19 13.24 -9.31 27.05
C LYS A 19 12.27 -8.99 25.92
N ILE A 20 11.44 -9.98 25.56
CA ILE A 20 10.52 -9.83 24.44
C ILE A 20 9.08 -10.16 24.85
N ALA A 21 8.18 -9.19 24.66
CA ALA A 21 6.74 -9.42 24.78
C ALA A 21 6.10 -9.54 23.40
N ARG A 22 5.34 -10.61 23.19
CA ARG A 22 4.56 -10.87 21.97
C ARG A 22 3.09 -10.48 22.21
N VAL A 23 2.57 -9.66 21.30
CA VAL A 23 1.18 -9.19 21.34
C VAL A 23 0.49 -9.43 19.98
N LEU A 24 -0.74 -9.94 20.01
CA LEU A 24 -1.57 -10.05 18.82
C LEU A 24 -2.59 -8.90 18.78
N ILE A 25 -2.47 -8.05 17.75
CA ILE A 25 -3.47 -7.02 17.52
C ILE A 25 -4.39 -7.48 16.38
N THR A 26 -5.67 -7.69 16.69
CA THR A 26 -6.66 -7.92 15.65
C THR A 26 -7.44 -6.66 15.36
N ALA A 27 -8.10 -6.63 14.20
CA ALA A 27 -8.85 -5.47 13.76
C ALA A 27 -9.86 -5.90 12.72
N ALA A 28 -10.69 -4.95 12.29
CA ALA A 28 -11.79 -5.26 11.36
C ALA A 28 -11.24 -5.78 10.03
N THR A 29 -10.12 -5.20 9.59
CA THR A 29 -9.45 -5.60 8.35
C THR A 29 -7.94 -5.61 8.55
N LYS A 30 -7.24 -6.30 7.63
CA LYS A 30 -5.77 -6.31 7.57
C LYS A 30 -5.19 -4.91 7.68
C LYS A 30 -5.19 -4.91 7.68
N ARG A 31 -5.76 -4.00 6.90
CA ARG A 31 -5.27 -2.63 6.82
C ARG A 31 -5.34 -1.91 8.18
N TRP A 32 -6.37 -2.18 8.97
CA TRP A 32 -6.54 -1.51 10.27
C TRP A 32 -5.68 -2.17 11.35
N ALA A 33 -5.41 -3.46 11.17
CA ALA A 33 -4.51 -4.16 12.08
C ALA A 33 -3.07 -3.69 11.85
N LEU A 34 -2.73 -3.40 10.59
CA LEU A 34 -1.39 -2.91 10.26
C LEU A 34 -1.16 -1.47 10.69
N VAL A 35 -2.17 -0.62 10.57
CA VAL A 35 -2.09 0.74 11.09
C VAL A 35 -1.75 0.77 12.59
N ALA A 36 -2.47 -0.05 13.38
CA ALA A 36 -2.27 -0.12 14.82
C ALA A 36 -0.91 -0.69 15.20
N ALA A 37 -0.55 -1.81 14.57
CA ALA A 37 0.72 -2.49 14.82
C ALA A 37 1.90 -1.60 14.49
N THR A 38 1.76 -0.80 13.45
CA THR A 38 2.82 0.09 13.00
C THR A 38 3.02 1.25 13.96
N GLU A 39 1.91 1.92 14.31
CA GLU A 39 1.92 3.01 15.28
C GLU A 39 2.52 2.54 16.60
N ALA A 40 2.17 1.32 17.01
CA ALA A 40 2.56 0.79 18.31
C ALA A 40 4.02 0.34 18.39
N THR A 41 4.65 0.12 17.23
CA THR A 41 6.02 -0.37 17.18
C THR A 41 6.97 0.63 16.53
N GLY A 42 6.48 1.85 16.29
CA GLY A 42 7.33 2.92 15.79
C GLY A 42 8.16 3.52 16.91
N PHE A 43 9.10 4.40 16.53
CA PHE A 43 10.06 4.98 17.47
C PHE A 43 10.67 3.91 18.38
N ALA A 44 11.11 2.81 17.77
CA ALA A 44 11.65 1.66 18.52
C ALA A 44 12.56 0.80 17.63
N THR A 45 13.66 1.40 17.17
CA THR A 45 14.64 0.70 16.35
C THR A 45 15.77 0.07 17.18
N SER A 46 16.03 0.64 18.36
CA SER A 46 17.18 0.25 19.19
C SER A 46 17.01 0.77 20.62
N VAL A 47 17.03 -0.15 21.61
CA VAL A 47 16.84 0.20 23.03
C VAL A 47 18.00 1.03 23.58
N ILE A 48 18.99 1.27 22.73
CA ILE A 48 20.19 1.97 23.13
C ILE A 48 20.01 3.50 22.97
N MET A 49 18.78 3.90 22.59
CA MET A 49 18.39 5.31 22.51
C MET A 49 16.90 5.54 22.16
N CYS A 50 16.18 4.46 21.89
CA CYS A 50 14.74 4.48 21.71
C CYS A 50 14.09 3.88 22.95
N PRO A 51 12.82 4.26 23.23
CA PRO A 51 12.08 3.69 24.37
C PRO A 51 12.05 2.15 24.37
N ALA A 52 12.05 1.54 23.19
CA ALA A 52 12.07 0.08 23.07
C ALA A 52 12.62 -0.36 21.73
N GLU A 53 12.72 -1.68 21.56
CA GLU A 53 12.96 -2.27 20.26
C GLU A 53 11.71 -3.07 19.89
N ALA A 54 11.08 -2.69 18.78
CA ALA A 54 9.79 -3.26 18.45
C ALA A 54 9.60 -3.41 16.94
N GLY A 55 8.67 -4.28 16.55
CA GLY A 55 8.38 -4.45 15.15
C GLY A 55 7.33 -5.51 14.90
N ILE A 56 6.93 -5.60 13.64
CA ILE A 56 5.94 -6.58 13.24
C ILE A 56 6.64 -7.91 12.97
N GLU A 57 6.12 -8.97 13.60
CA GLU A 57 6.68 -10.30 13.48
C GLU A 57 6.13 -10.97 12.21
N ARG A 58 4.82 -10.94 12.09
CA ARG A 58 4.11 -11.51 10.94
C ARG A 58 2.60 -11.27 11.07
N LEU A 59 1.93 -11.25 9.93
CA LEU A 59 0.48 -11.12 9.88
C LEU A 59 -0.20 -12.35 10.46
N ALA A 60 -1.33 -12.15 11.13
CA ALA A 60 -2.14 -13.24 11.64
C ALA A 60 -3.37 -13.47 10.76
N SER A 61 -3.56 -14.72 10.35
CA SER A 61 -4.72 -15.11 9.57
C SER A 61 -5.97 -15.07 10.42
N PRO A 62 -7.13 -14.76 9.81
CA PRO A 62 -8.42 -14.87 10.50
C PRO A 62 -8.69 -16.29 11.02
N SER A 63 -8.02 -17.28 10.41
CA SER A 63 -8.24 -18.68 10.73
C SER A 63 -7.45 -19.12 11.95
N GLU A 64 -6.68 -18.21 12.55
CA GLU A 64 -5.83 -18.57 13.68
C GLU A 64 -5.98 -17.67 14.92
N THR A 65 -6.72 -16.58 14.78
CA THR A 65 -6.86 -15.62 15.88
C THR A 65 -8.04 -15.98 16.78
N PRO A 66 -8.00 -15.54 18.04
CA PRO A 66 -9.02 -15.88 19.05
C PRO A 66 -10.42 -15.44 18.62
N ASP A 67 -10.49 -14.30 17.92
CA ASP A 67 -11.76 -13.73 17.50
C ASP A 67 -12.06 -13.90 16.01
N GLY A 68 -11.23 -14.68 15.32
CA GLY A 68 -11.49 -15.00 13.93
C GLY A 68 -11.31 -13.83 12.99
N ARG A 69 -10.54 -12.84 13.45
CA ARG A 69 -10.38 -11.58 12.69
C ARG A 69 -8.94 -11.45 12.21
N PRO A 70 -8.72 -10.68 11.13
CA PRO A 70 -7.31 -10.48 10.74
C PRO A 70 -6.50 -9.81 11.85
N GLY A 71 -5.24 -10.19 12.00
CA GLY A 71 -4.40 -9.56 13.01
C GLY A 71 -2.93 -9.45 12.65
N VAL A 72 -2.16 -8.85 13.55
CA VAL A 72 -0.71 -8.69 13.40
C VAL A 72 -0.04 -9.01 14.74
N TYR A 73 0.91 -9.94 14.72
CA TYR A 73 1.77 -10.20 15.87
C TYR A 73 2.90 -9.18 15.90
N VAL A 74 3.06 -8.52 17.05
CA VAL A 74 4.19 -7.63 17.26
C VAL A 74 5.03 -8.12 18.44
N GLN A 75 6.30 -7.74 18.42
CA GLN A 75 7.20 -8.00 19.54
C GLN A 75 7.69 -6.66 20.03
N ILE A 76 7.56 -6.44 21.34
CA ILE A 76 8.14 -5.27 21.96
C ILE A 76 9.21 -5.76 22.92
N CYS A 77 10.41 -5.21 22.77
CA CYS A 77 11.61 -5.74 23.39
C CYS A 77 12.28 -4.68 24.25
N THR A 78 12.91 -5.14 25.33
CA THR A 78 13.61 -4.21 26.21
C THR A 78 14.54 -5.00 27.15
N PHE A 79 15.58 -4.35 27.66
CA PHE A 79 16.57 -5.06 28.47
C PHE A 79 16.03 -5.59 29.79
N LYS A 80 15.33 -4.74 30.54
CA LYS A 80 14.75 -5.14 31.82
C LYS A 80 13.24 -5.36 31.76
N TYR A 81 12.76 -6.38 32.46
CA TYR A 81 11.33 -6.71 32.53
C TYR A 81 10.43 -5.57 33.04
N GLU A 82 10.98 -4.73 33.91
CA GLU A 82 10.27 -3.56 34.44
C GLU A 82 9.95 -2.57 33.33
N ALA A 83 10.95 -2.30 32.50
CA ALA A 83 10.80 -1.39 31.37
C ALA A 83 9.79 -1.91 30.33
N LEU A 84 9.74 -3.23 30.16
CA LEU A 84 8.86 -3.88 29.20
C LEU A 84 7.38 -3.68 29.52
N GLU A 85 6.97 -4.00 30.75
CA GLU A 85 5.61 -3.77 31.23
C GLU A 85 5.22 -2.31 31.00
N GLU A 86 6.16 -1.42 31.25
CA GLU A 86 5.95 0.01 31.03
C GLU A 86 5.70 0.31 29.55
N GLN A 87 6.52 -0.27 28.69
CA GLN A 87 6.42 -0.05 27.25
C GLN A 87 5.14 -0.64 26.70
N LEU A 88 4.75 -1.79 27.22
CA LEU A 88 3.50 -2.43 26.86
C LEU A 88 2.31 -1.54 27.22
N LEU A 89 2.34 -0.98 28.42
CA LEU A 89 1.25 -0.11 28.89
C LEU A 89 1.10 1.10 28.01
N GLU A 90 2.22 1.79 27.75
CA GLU A 90 2.20 3.05 27.01
C GLU A 90 1.91 2.85 25.53
N ARG A 91 2.43 1.77 24.95
CA ARG A 91 2.33 1.52 23.50
C ARG A 91 0.96 0.92 23.11
N ILE A 92 0.46 0.01 23.95
CA ILE A 92 -0.86 -0.56 23.72
C ILE A 92 -1.97 0.41 24.13
N GLY A 93 -1.77 1.07 25.28
CA GLY A 93 -2.75 2.05 25.73
C GLY A 93 -2.89 3.25 24.83
N GLN A 94 -1.76 3.77 24.33
CA GLN A 94 -1.77 5.00 23.55
C GLN A 94 -1.88 4.77 22.05
N CYS A 95 -1.56 3.57 21.59
CA CYS A 95 -1.43 3.32 20.16
C CYS A 95 -2.33 2.22 19.61
N VAL A 96 -2.95 1.45 20.49
CA VAL A 96 -3.82 0.36 20.08
C VAL A 96 -5.23 0.51 20.64
N LEU A 97 -5.33 0.81 21.93
CA LEU A 97 -6.61 1.16 22.55
C LEU A 97 -7.25 2.33 21.80
N THR A 98 -6.42 3.24 21.32
CA THR A 98 -6.87 4.44 20.63
C THR A 98 -7.07 4.25 19.12
N ALA A 99 -6.63 3.10 18.60
CA ALA A 99 -6.70 2.82 17.18
C ALA A 99 -8.02 2.14 16.80
N PRO A 100 -8.56 2.45 15.61
CA PRO A 100 -9.84 1.90 15.14
C PRO A 100 -9.90 0.37 15.11
N THR A 101 -10.97 -0.17 15.69
CA THR A 101 -11.40 -1.56 15.59
C THR A 101 -10.49 -2.62 16.21
N THR A 102 -9.47 -2.19 16.94
CA THR A 102 -8.49 -3.13 17.46
C THR A 102 -8.97 -3.94 18.67
N ALA A 103 -8.47 -5.17 18.76
CA ALA A 103 -8.53 -5.95 19.99
C ALA A 103 -7.11 -6.47 20.26
N VAL A 104 -6.77 -6.63 21.54
CA VAL A 104 -5.43 -7.07 21.94
C VAL A 104 -5.53 -8.42 22.63
N PHE A 105 -4.74 -9.38 22.15
CA PHE A 105 -4.66 -10.70 22.77
C PHE A 105 -3.22 -11.02 23.13
N ASN A 106 -3.04 -12.07 23.93
CA ASN A 106 -1.73 -12.45 24.44
C ASN A 106 -0.98 -13.30 23.40
N GLY A 107 0.18 -12.81 22.98
CA GLY A 107 0.98 -13.53 22.01
C GLY A 107 1.77 -14.69 22.61
N LEU A 108 2.09 -14.59 23.90
CA LEU A 108 2.88 -15.63 24.59
C LEU A 108 2.12 -16.19 25.80
N PRO A 109 1.02 -16.92 25.56
CA PRO A 109 0.09 -17.28 26.63
C PRO A 109 0.64 -18.34 27.60
N GLU A 110 1.41 -19.29 27.08
CA GLU A 110 2.00 -20.36 27.87
C GLU A 110 3.30 -19.94 28.57
N ALA A 111 3.71 -18.68 28.38
CA ALA A 111 4.96 -18.17 28.94
C ALA A 111 4.90 -18.03 30.45
N GLU A 112 6.06 -18.15 31.10
CA GLU A 112 6.10 -18.09 32.56
C GLU A 112 5.87 -16.67 33.09
N LYS A 113 6.49 -15.68 32.45
CA LYS A 113 6.28 -14.28 32.81
C LYS A 113 5.00 -13.74 32.12
N GLN A 114 4.20 -12.98 32.86
CA GLN A 114 2.96 -12.39 32.37
C GLN A 114 2.73 -11.01 32.96
N ASP A 115 2.58 -10.01 32.10
CA ASP A 115 2.23 -8.66 32.54
C ASP A 115 0.72 -8.48 32.38
N ASN A 116 0.05 -7.96 33.41
CA ASN A 116 -1.40 -7.89 33.40
C ASN A 116 -1.93 -6.61 32.73
N VAL A 117 -1.44 -6.38 31.52
CA VAL A 117 -1.74 -5.16 30.75
C VAL A 117 -3.25 -4.91 30.58
N GLY A 118 -3.99 -5.97 30.25
CA GLY A 118 -5.42 -5.83 30.05
C GLY A 118 -6.16 -5.40 31.31
N PHE A 119 -5.75 -5.95 32.45
CA PHE A 119 -6.31 -5.55 33.73
C PHE A 119 -6.03 -4.07 33.97
N LYS A 120 -4.82 -3.65 33.63
CA LYS A 120 -4.39 -2.27 33.89
C LYS A 120 -5.07 -1.28 32.96
N LEU A 121 -5.40 -1.73 31.75
CA LEU A 121 -6.02 -0.86 30.76
C LEU A 121 -7.51 -0.66 30.99
N LYS A 122 -8.15 -1.65 31.63
CA LYS A 122 -9.60 -1.63 31.86
C LYS A 122 -10.04 -0.42 32.68
N PHE A 123 -9.10 0.12 33.45
CA PHE A 123 -9.38 1.26 34.36
C PHE A 123 -9.78 2.52 33.56
N PHE A 124 -9.44 2.51 32.27
CA PHE A 124 -9.79 3.62 31.40
C PHE A 124 -11.31 3.80 31.29
N ALA A 125 -12.06 2.71 31.48
CA ALA A 125 -13.51 2.74 31.33
C ALA A 125 -14.21 3.38 32.52
N ASP A 126 -13.48 3.53 33.62
CA ASP A 126 -13.93 4.37 34.75
C ASP A 126 -15.21 3.84 35.42
N GLY A 127 -15.26 2.53 35.63
CA GLY A 127 -16.45 1.92 36.21
C GLY A 127 -17.27 1.13 35.21
N MET A 128 -17.08 1.40 33.92
CA MET A 128 -17.92 0.79 32.89
C MET A 128 -17.34 -0.49 32.29
N GLU A 129 -16.16 -0.89 32.75
CA GLU A 129 -15.51 -2.11 32.27
C GLU A 129 -16.34 -3.35 32.57
N SER A 130 -16.19 -4.35 31.71
CA SER A 130 -16.82 -5.65 31.89
C SER A 130 -15.74 -6.70 31.71
N GLU A 131 -16.09 -7.95 31.97
CA GLU A 131 -15.17 -9.05 31.78
C GLU A 131 -15.90 -10.13 30.98
N THR A 132 -15.26 -10.57 29.90
CA THR A 132 -15.84 -11.58 29.04
C THR A 132 -14.81 -12.67 28.74
N GLN A 133 -15.21 -13.63 27.92
CA GLN A 133 -14.35 -14.75 27.56
C GLN A 133 -14.37 -14.98 26.05
N ILE A 134 -13.23 -14.77 25.40
CA ILE A 134 -13.09 -15.06 23.98
C ILE A 134 -12.15 -16.26 23.73
N ALA A 135 -12.72 -17.32 23.18
CA ALA A 135 -11.99 -18.55 22.89
C ALA A 135 -11.20 -19.01 24.12
N GLY A 136 -11.90 -19.13 25.25
CA GLY A 136 -11.27 -19.61 26.47
C GLY A 136 -10.40 -18.57 27.17
N ARG A 137 -10.08 -17.50 26.46
CA ARG A 137 -9.20 -16.43 26.97
C ARG A 137 -10.01 -15.41 27.78
N LYS A 138 -9.43 -14.98 28.90
CA LYS A 138 -10.02 -13.97 29.77
C LYS A 138 -9.76 -12.57 29.22
N VAL A 139 -10.85 -11.86 28.91
CA VAL A 139 -10.77 -10.58 28.22
C VAL A 139 -11.57 -9.49 28.94
N TYR A 140 -11.04 -8.28 28.92
CA TYR A 140 -11.69 -7.11 29.51
C TYR A 140 -12.30 -6.25 28.42
N LYS A 141 -13.56 -5.87 28.63
CA LYS A 141 -14.27 -4.95 27.74
C LYS A 141 -14.13 -3.53 28.28
N VAL A 142 -13.63 -2.63 27.45
CA VAL A 142 -13.49 -1.22 27.79
C VAL A 142 -14.33 -0.38 26.81
N PRO A 143 -15.55 0.03 27.22
CA PRO A 143 -16.38 0.89 26.38
C PRO A 143 -15.69 2.19 25.97
N ILE A 144 -15.59 2.39 24.66
CA ILE A 144 -15.05 3.62 24.09
C ILE A 144 -15.93 4.10 22.94
N MET A 145 -15.60 5.25 22.35
CA MET A 145 -16.46 5.90 21.36
C MET A 145 -16.86 5.02 20.18
N GLU A 146 -15.92 4.20 19.71
CA GLU A 146 -16.16 3.37 18.53
C GLU A 146 -17.02 2.17 18.86
N GLY A 147 -17.04 1.80 20.14
CA GLY A 147 -17.59 0.52 20.55
C GLY A 147 -16.89 0.00 21.80
N ASP A 148 -16.69 -1.31 21.87
CA ASP A 148 -15.99 -1.94 22.99
C ASP A 148 -14.57 -2.35 22.56
N PHE A 149 -13.57 -1.88 23.29
CA PHE A 149 -12.20 -2.35 23.09
C PHE A 149 -11.97 -3.61 23.93
N LEU A 150 -11.51 -4.67 23.28
CA LEU A 150 -11.25 -5.94 23.96
C LEU A 150 -9.75 -6.13 24.18
N ALA A 151 -9.38 -6.45 25.43
CA ALA A 151 -7.97 -6.67 25.78
C ALA A 151 -7.84 -7.86 26.73
N GLU A 152 -7.14 -8.91 26.28
CA GLU A 152 -6.84 -10.05 27.14
C GLU A 152 -6.13 -9.60 28.42
N GLU A 153 -6.33 -10.33 29.51
CA GLU A 153 -5.82 -9.91 30.80
C GLU A 153 -4.31 -9.69 30.79
N ASN A 154 -3.59 -10.64 30.21
CA ASN A 154 -2.14 -10.68 30.29
C ASN A 154 -1.48 -10.61 28.92
N ILE A 155 -0.26 -10.11 28.90
CA ILE A 155 0.65 -10.30 27.77
C ILE A 155 1.95 -10.96 28.25
N GLY A 156 2.25 -12.12 27.67
CA GLY A 156 3.44 -12.86 28.04
C GLY A 156 4.74 -12.28 27.51
N ALA A 157 5.82 -12.60 28.19
CA ALA A 157 7.16 -12.15 27.81
C ALA A 157 8.17 -13.24 28.15
N ILE A 158 9.27 -13.28 27.41
CA ILE A 158 10.34 -14.24 27.65
C ILE A 158 11.71 -13.59 27.52
N ALA A 159 12.74 -14.36 27.84
CA ALA A 159 14.13 -13.99 27.60
C ALA A 159 14.47 -14.38 26.16
N GLY A 160 14.58 -13.36 25.31
CA GLY A 160 14.83 -13.61 23.91
C GLY A 160 16.20 -13.13 23.48
N ILE A 161 16.31 -12.83 22.19
CA ILE A 161 17.61 -12.55 21.57
C ILE A 161 17.47 -11.35 20.65
N ALA A 162 18.31 -10.34 20.87
CA ALA A 162 18.34 -9.17 20.00
C ALA A 162 19.70 -9.07 19.31
N GLY A 163 19.70 -8.64 18.05
CA GLY A 163 20.96 -8.32 17.39
C GLY A 163 21.51 -9.35 16.43
N GLY A 164 20.76 -10.43 16.17
CA GLY A 164 21.06 -11.27 15.01
C GLY A 164 21.04 -10.43 13.73
N ASN A 165 21.92 -10.71 12.78
CA ASN A 165 22.05 -9.84 11.62
C ASN A 165 22.85 -10.44 10.49
N PHE A 166 22.72 -9.83 9.30
CA PHE A 166 23.69 -10.03 8.23
C PHE A 166 23.82 -8.75 7.40
N PHE A 167 24.97 -8.60 6.75
CA PHE A 167 25.27 -7.43 5.92
C PHE A 167 25.08 -7.79 4.45
N ILE A 168 24.64 -6.82 3.65
CA ILE A 168 24.48 -7.00 2.21
C ILE A 168 25.30 -5.95 1.50
N PHE A 169 26.33 -6.41 0.78
CA PHE A 169 27.18 -5.53 -0.02
C PHE A 169 26.64 -5.50 -1.45
N GLY A 170 26.42 -4.32 -2.00
CA GLY A 170 25.92 -4.24 -3.36
C GLY A 170 26.75 -3.33 -4.24
N ASP A 171 26.67 -3.53 -5.55
CA ASP A 171 27.38 -2.66 -6.49
C ASP A 171 26.85 -1.23 -6.49
N SER A 172 25.59 -1.08 -6.11
CA SER A 172 24.92 0.21 -6.05
C SER A 172 24.05 0.26 -4.81
N GLN A 173 23.66 1.47 -4.41
CA GLN A 173 22.76 1.65 -3.29
C GLN A 173 21.45 0.89 -3.47
N MET A 174 20.85 1.02 -4.66
CA MET A 174 19.53 0.42 -4.88
C MET A 174 19.58 -1.10 -5.03
N THR A 175 20.73 -1.63 -5.44
CA THR A 175 20.94 -3.07 -5.45
C THR A 175 20.91 -3.64 -4.04
N ALA A 176 21.70 -3.02 -3.15
CA ALA A 176 21.79 -3.47 -1.77
C ALA A 176 20.46 -3.26 -1.04
N LEU A 177 19.80 -2.14 -1.32
CA LEU A 177 18.52 -1.84 -0.68
C LEU A 177 17.42 -2.81 -1.10
N THR A 178 17.37 -3.13 -2.40
CA THR A 178 16.36 -4.03 -2.93
C THR A 178 16.55 -5.43 -2.35
N ALA A 179 17.81 -5.81 -2.16
CA ALA A 179 18.17 -7.07 -1.54
C ALA A 179 17.69 -7.10 -0.07
N ALA A 180 17.87 -5.97 0.61
CA ALA A 180 17.41 -5.82 1.99
C ALA A 180 15.89 -5.87 2.06
N GLU A 181 15.25 -5.20 1.12
CA GLU A 181 13.78 -5.16 1.06
C GLU A 181 13.22 -6.58 0.87
N ALA A 182 13.80 -7.34 -0.05
CA ALA A 182 13.39 -8.73 -0.29
C ALA A 182 13.60 -9.58 0.96
N ALA A 183 14.75 -9.39 1.63
CA ALA A 183 15.04 -10.11 2.87
C ALA A 183 14.04 -9.79 3.99
N VAL A 184 13.71 -8.50 4.15
CA VAL A 184 12.76 -8.08 5.15
C VAL A 184 11.33 -8.60 4.90
N ASP A 185 10.91 -8.62 3.64
CA ASP A 185 9.61 -9.17 3.28
C ASP A 185 9.56 -10.66 3.59
N THR A 186 10.67 -11.34 3.38
CA THR A 186 10.77 -12.77 3.64
C THR A 186 10.71 -13.05 5.14
N ILE A 187 11.46 -12.28 5.91
CA ILE A 187 11.49 -12.43 7.35
C ILE A 187 10.14 -12.11 7.99
N ALA A 188 9.36 -11.23 7.36
CA ALA A 188 8.04 -10.88 7.89
C ALA A 188 6.99 -11.98 7.64
N GLU A 189 7.37 -13.01 6.89
CA GLU A 189 6.53 -14.19 6.76
C GLU A 189 6.80 -15.19 7.89
N LEU A 190 7.92 -15.02 8.58
CA LEU A 190 8.41 -16.01 9.54
C LEU A 190 8.00 -15.72 10.99
N GLU A 191 7.54 -16.77 11.67
CA GLU A 191 7.15 -16.65 13.07
C GLU A 191 8.37 -16.50 13.96
N GLY A 192 8.25 -15.69 15.01
CA GLY A 192 9.25 -15.68 16.06
C GLY A 192 10.29 -14.60 15.95
N THR A 193 10.32 -13.90 14.83
CA THR A 193 11.34 -12.86 14.60
C THR A 193 10.74 -11.54 14.16
N ILE A 194 11.46 -10.46 14.47
CA ILE A 194 11.17 -9.13 13.97
C ILE A 194 12.44 -8.45 13.45
N THR A 195 12.26 -7.37 12.71
CA THR A 195 13.38 -6.59 12.21
C THR A 195 13.13 -5.12 12.53
N PRO A 196 13.67 -4.64 13.66
CA PRO A 196 13.13 -3.42 14.30
C PRO A 196 13.50 -2.10 13.64
N PHE A 197 14.48 -2.11 12.73
CA PHE A 197 14.93 -0.85 12.13
C PHE A 197 13.94 -0.32 11.09
N PRO A 198 14.12 0.93 10.62
CA PRO A 198 13.13 1.51 9.71
C PRO A 198 12.96 0.72 8.42
N GLY A 199 11.76 0.17 8.23
CA GLY A 199 11.52 -0.74 7.12
C GLY A 199 12.22 -2.07 7.30
N GLY A 200 12.69 -2.32 8.52
CA GLY A 200 13.44 -3.52 8.82
C GLY A 200 14.91 -3.41 8.51
N ILE A 201 15.35 -2.23 8.10
CA ILE A 201 16.65 -2.06 7.45
C ILE A 201 17.55 -1.01 8.10
N VAL A 202 18.78 -1.42 8.42
CA VAL A 202 19.78 -0.53 9.00
C VAL A 202 20.58 0.15 7.89
N ALA A 203 20.43 1.45 7.74
CA ALA A 203 21.21 2.20 6.77
C ALA A 203 22.54 2.68 7.34
N SER A 204 22.62 2.74 8.67
CA SER A 204 23.74 3.39 9.34
C SER A 204 24.87 2.44 9.73
N GLY A 205 24.56 1.45 10.56
CA GLY A 205 25.60 0.63 11.17
C GLY A 205 26.39 1.38 12.23
N SER A 206 27.17 0.67 13.03
CA SER A 206 27.97 1.33 14.05
C SER A 206 29.08 0.46 14.61
N LYS A 207 30.15 1.10 15.08
CA LYS A 207 31.16 0.44 15.89
C LYS A 207 30.96 0.75 17.38
N SER A 208 31.63 -0.03 18.23
CA SER A 208 31.44 0.02 19.69
C SER A 208 31.93 1.29 20.38
N GLY A 209 32.80 2.05 19.72
CA GLY A 209 33.36 3.22 20.39
C GLY A 209 33.45 4.45 19.52
N ALA A 210 34.53 5.21 19.69
CA ALA A 210 34.79 6.41 18.90
C ALA A 210 36.29 6.66 18.77
N ASN A 211 36.74 6.98 17.56
CA ASN A 211 38.13 7.33 17.31
C ASN A 211 38.43 8.77 17.72
N LYS A 212 37.38 9.57 17.82
CA LYS A 212 37.55 11.01 18.02
C LYS A 212 36.64 11.53 19.13
N TYR A 213 35.34 11.41 18.92
CA TYR A 213 34.35 11.97 19.84
C TYR A 213 34.05 10.95 20.92
N LYS A 214 34.89 10.92 21.95
CA LYS A 214 34.88 9.86 22.94
C LYS A 214 33.69 9.96 23.89
N PHE A 215 32.95 11.07 23.81
CA PHE A 215 31.71 11.25 24.56
C PHE A 215 30.53 10.54 23.90
N LEU A 216 30.83 9.68 22.92
CA LEU A 216 29.83 8.90 22.20
C LEU A 216 30.06 7.42 22.47
N LYS A 217 29.01 6.72 22.89
CA LYS A 217 29.14 5.28 23.17
C LYS A 217 29.14 4.43 21.89
N ALA A 218 28.69 5.02 20.78
CA ALA A 218 28.66 4.33 19.50
C ALA A 218 28.72 5.33 18.34
N THR A 219 29.53 5.01 17.34
CA THR A 219 29.63 5.85 16.15
C THR A 219 29.57 5.00 14.88
N ALA A 220 29.49 5.66 13.73
CA ALA A 220 29.56 4.97 12.44
C ALA A 220 30.90 4.25 12.34
N ASN A 221 30.83 2.96 12.01
CA ASN A 221 32.03 2.18 11.68
C ASN A 221 32.56 2.57 10.29
N GLU A 222 33.61 3.39 10.26
CA GLU A 222 34.15 3.94 9.02
C GLU A 222 34.68 2.86 8.07
N ARG A 223 34.84 1.64 8.58
CA ARG A 223 35.36 0.53 7.78
C ARG A 223 34.32 -0.04 6.83
N PHE A 224 33.05 0.30 7.06
CA PHE A 224 31.97 -0.16 6.20
C PHE A 224 31.23 1.01 5.55
N CYS A 225 31.89 2.16 5.49
CA CYS A 225 31.34 3.35 4.83
C CYS A 225 31.93 3.51 3.42
N PRO A 226 31.15 3.17 2.38
CA PRO A 226 31.65 3.14 1.00
C PRO A 226 32.08 4.50 0.46
N SER A 227 31.37 5.56 0.87
CA SER A 227 31.65 6.91 0.37
C SER A 227 33.02 7.46 0.82
N ILE A 228 33.68 6.76 1.75
CA ILE A 228 35.00 7.18 2.25
C ILE A 228 36.00 6.02 2.29
N LYS A 229 35.70 4.94 1.56
CA LYS A 229 36.55 3.74 1.58
C LYS A 229 37.97 4.02 1.08
N ASP A 230 38.12 5.08 0.28
CA ASP A 230 39.42 5.47 -0.27
C ASP A 230 40.33 6.18 0.74
N LYS A 231 39.73 6.88 1.70
CA LYS A 231 40.50 7.50 2.77
C LYS A 231 40.51 6.69 4.07
N ILE A 232 40.06 5.44 4.00
CA ILE A 232 40.12 4.54 5.16
C ILE A 232 40.88 3.28 4.76
N GLU A 233 42.13 3.15 5.23
CA GLU A 233 43.01 2.12 4.71
C GLU A 233 42.75 0.73 5.28
N ASN A 234 41.85 0.65 6.26
CA ASN A 234 41.47 -0.67 6.80
C ASN A 234 40.00 -0.91 6.47
N THR A 235 39.60 -0.42 5.31
CA THR A 235 38.23 -0.50 4.83
C THR A 235 37.86 -1.95 4.49
N GLU A 236 36.63 -2.30 4.83
CA GLU A 236 36.07 -3.61 4.50
C GLU A 236 35.30 -3.59 3.20
N ILE A 237 35.29 -2.43 2.54
CA ILE A 237 34.49 -2.19 1.34
C ILE A 237 35.37 -2.36 0.09
N PRO A 238 35.06 -3.37 -0.74
CA PRO A 238 35.74 -3.58 -2.04
C PRO A 238 35.51 -2.41 -2.98
N ALA A 239 36.33 -2.32 -4.02
CA ALA A 239 36.22 -1.23 -4.97
C ALA A 239 34.91 -1.29 -5.76
N ASP A 240 34.40 -2.50 -5.95
CA ASP A 240 33.18 -2.69 -6.74
C ASP A 240 31.89 -2.65 -5.91
N VAL A 241 32.02 -2.35 -4.63
CA VAL A 241 30.86 -2.13 -3.75
C VAL A 241 30.66 -0.65 -3.45
N ASN A 242 29.42 -0.17 -3.61
CA ASN A 242 29.12 1.23 -3.33
C ASN A 242 28.12 1.45 -2.19
N ALA A 243 27.60 0.36 -1.63
CA ALA A 243 26.63 0.48 -0.55
C ALA A 243 26.50 -0.82 0.25
N VAL A 244 26.30 -0.67 1.55
CA VAL A 244 26.03 -1.79 2.44
C VAL A 244 24.78 -1.49 3.25
N TYR A 245 23.90 -2.49 3.36
CA TYR A 245 22.78 -2.43 4.28
C TYR A 245 22.87 -3.61 5.23
N GLU A 246 22.40 -3.41 6.46
CA GLU A 246 22.35 -4.47 7.45
C GLU A 246 20.90 -4.72 7.85
N ILE A 247 20.57 -5.99 8.07
CA ILE A 247 19.28 -6.35 8.63
C ILE A 247 19.49 -6.92 10.03
N VAL A 248 19.00 -6.19 11.03
CA VAL A 248 19.01 -6.66 12.42
C VAL A 248 17.74 -7.43 12.74
N ILE A 249 17.90 -8.54 13.44
CA ILE A 249 16.82 -9.50 13.70
C ILE A 249 16.77 -9.79 15.21
N ASN A 250 15.64 -9.46 15.84
CA ASN A 250 15.35 -9.93 17.20
C ASN A 250 14.41 -11.11 17.09
N GLY A 251 14.39 -11.96 18.11
CA GLY A 251 13.58 -13.16 18.03
C GLY A 251 13.46 -13.91 19.34
N LEU A 252 12.51 -14.84 19.38
CA LEU A 252 12.16 -15.56 20.60
C LEU A 252 13.20 -16.59 21.01
N ASP A 253 13.72 -17.34 20.03
CA ASP A 253 14.76 -18.32 20.28
C ASP A 253 15.89 -18.24 19.24
N GLU A 254 16.86 -19.13 19.35
CA GLU A 254 17.99 -19.16 18.41
C GLU A 254 17.59 -19.72 17.07
N GLU A 255 16.69 -20.72 17.09
CA GLU A 255 16.24 -21.39 15.87
C GLU A 255 15.50 -20.42 14.93
N SER A 256 14.77 -19.48 15.52
CA SER A 256 13.97 -18.53 14.76
C SER A 256 14.85 -17.47 14.14
N ILE A 257 15.84 -17.01 14.90
CA ILE A 257 16.82 -16.08 14.38
C ILE A 257 17.56 -16.69 13.20
N LYS A 258 17.92 -17.96 13.32
CA LYS A 258 18.63 -18.67 12.26
C LYS A 258 17.76 -18.83 11.02
N ALA A 259 16.51 -19.21 11.22
CA ALA A 259 15.57 -19.34 10.13
C ALA A 259 15.44 -18.02 9.37
N ALA A 260 15.48 -16.92 10.11
CA ALA A 260 15.33 -15.58 9.54
C ALA A 260 16.59 -15.13 8.80
N MET A 261 17.76 -15.37 9.39
CA MET A 261 19.02 -15.05 8.75
C MET A 261 19.20 -15.84 7.46
N LYS A 262 18.87 -17.13 7.50
CA LYS A 262 19.00 -18.00 6.35
C LYS A 262 18.05 -17.57 5.22
N ALA A 263 16.77 -17.40 5.53
CA ALA A 263 15.75 -17.01 4.55
C ALA A 263 16.06 -15.63 3.99
N GLY A 264 16.50 -14.73 4.87
CA GLY A 264 16.83 -13.37 4.46
C GLY A 264 18.02 -13.32 3.52
N ILE A 265 19.05 -14.13 3.80
CA ILE A 265 20.24 -14.18 2.97
C ILE A 265 19.90 -14.79 1.62
N LYS A 266 19.08 -15.85 1.63
CA LYS A 266 18.73 -16.55 0.40
C LYS A 266 17.87 -15.70 -0.54
N ALA A 267 17.10 -14.78 0.06
CA ALA A 267 16.30 -13.83 -0.73
C ALA A 267 17.16 -12.67 -1.23
N ALA A 268 18.09 -12.22 -0.39
CA ALA A 268 19.01 -11.13 -0.76
C ALA A 268 19.90 -11.46 -1.95
N VAL A 269 20.41 -12.69 -2.03
CA VAL A 269 21.32 -13.03 -3.12
C VAL A 269 20.64 -13.29 -4.46
N THR A 270 19.31 -13.16 -4.50
CA THR A 270 18.59 -13.28 -5.77
C THR A 270 18.61 -11.98 -6.57
N VAL A 271 19.02 -10.89 -5.92
CA VAL A 271 19.09 -9.57 -6.54
C VAL A 271 20.44 -9.39 -7.26
N PRO A 272 20.41 -9.15 -8.58
CA PRO A 272 21.65 -9.02 -9.35
C PRO A 272 22.49 -7.83 -8.90
N GLY A 273 23.79 -8.06 -8.71
CA GLY A 273 24.69 -6.99 -8.34
C GLY A 273 25.14 -7.09 -6.89
N VAL A 274 24.45 -7.92 -6.11
CA VAL A 274 24.87 -8.19 -4.75
C VAL A 274 26.22 -8.90 -4.81
N LYS A 275 27.18 -8.39 -4.03
CA LYS A 275 28.57 -8.83 -4.12
C LYS A 275 28.98 -9.77 -2.99
N LYS A 276 28.44 -9.54 -1.80
CA LYS A 276 28.84 -10.30 -0.63
C LYS A 276 27.79 -10.21 0.47
N ILE A 277 27.63 -11.31 1.21
CA ILE A 277 26.90 -11.32 2.47
C ILE A 277 27.90 -11.42 3.60
N SER A 278 27.79 -10.54 4.58
CA SER A 278 28.56 -10.65 5.81
C SER A 278 27.64 -10.56 7.03
N ALA A 279 28.22 -10.25 8.19
CA ALA A 279 27.50 -10.13 9.46
C ALA A 279 28.33 -9.33 10.45
N GLY A 280 27.66 -8.71 11.40
CA GLY A 280 28.34 -7.88 12.37
C GLY A 280 28.53 -8.56 13.71
N ASN A 281 29.75 -8.57 14.21
CA ASN A 281 30.00 -9.05 15.56
C ASN A 281 30.93 -8.14 16.32
N TYR A 282 31.08 -8.43 17.61
CA TYR A 282 31.89 -7.59 18.49
C TYR A 282 33.08 -8.36 19.09
N GLY A 283 33.76 -9.12 18.23
CA GLY A 283 34.94 -9.86 18.63
C GLY A 283 34.64 -11.14 19.39
N GLY A 284 33.37 -11.35 19.70
CA GLY A 284 32.99 -12.43 20.60
C GLY A 284 32.99 -11.98 22.06
N LYS A 285 33.25 -10.69 22.29
CA LYS A 285 33.49 -10.19 23.64
C LYS A 285 32.37 -9.29 24.18
N LEU A 286 31.18 -9.39 23.61
CA LEU A 286 30.08 -8.52 24.01
C LEU A 286 28.73 -9.23 24.17
N GLY A 287 28.51 -10.30 23.40
CA GLY A 287 27.22 -10.96 23.42
C GLY A 287 27.33 -12.47 23.49
N LYS A 288 26.36 -13.09 24.16
CA LYS A 288 26.39 -14.53 24.41
C LYS A 288 26.19 -15.39 23.16
N TYR A 289 25.38 -14.89 22.23
CA TYR A 289 24.89 -15.71 21.11
C TYR A 289 25.73 -15.51 19.84
N GLN A 290 26.18 -16.63 19.26
CA GLN A 290 26.94 -16.59 18.02
C GLN A 290 26.20 -17.35 16.92
N PHE A 291 25.84 -16.60 15.87
CA PHE A 291 25.14 -17.17 14.73
C PHE A 291 26.09 -17.16 13.53
N LYS A 292 26.70 -18.31 13.29
CA LYS A 292 27.68 -18.45 12.22
C LYS A 292 26.97 -18.63 10.89
N LEU A 293 27.32 -17.76 9.94
CA LEU A 293 26.67 -17.70 8.64
C LEU A 293 26.74 -19.02 7.88
N HIS A 294 27.91 -19.66 7.90
CA HIS A 294 28.11 -20.90 7.14
C HIS A 294 27.33 -22.07 7.71
N GLU A 295 26.97 -21.98 8.99
CA GLU A 295 26.22 -23.04 9.64
C GLU A 295 24.71 -22.94 9.39
N LEU A 296 24.30 -21.86 8.72
CA LEU A 296 22.90 -21.68 8.37
C LEU A 296 22.50 -22.63 7.26
N PHE A 297 23.46 -23.00 6.40
CA PHE A 297 23.13 -23.68 5.16
C PHE A 297 23.53 -25.14 5.14
N MET B 1 -27.51 23.59 11.07
CA MET B 1 -26.80 23.59 9.76
C MET B 1 -26.57 22.16 9.26
N GLU B 2 -26.76 21.95 7.95
CA GLU B 2 -26.57 20.64 7.36
C GLU B 2 -25.71 20.68 6.11
N ILE B 3 -24.75 19.78 6.01
CA ILE B 3 -23.99 19.57 4.79
C ILE B 3 -24.23 18.14 4.30
N ASN B 4 -24.80 18.02 3.11
CA ASN B 4 -25.14 16.72 2.53
C ASN B 4 -26.15 15.99 3.40
N GLY B 5 -27.00 16.75 4.08
CA GLY B 5 -28.06 16.18 4.88
C GLY B 5 -27.62 15.84 6.28
N VAL B 6 -26.34 16.11 6.56
CA VAL B 6 -25.74 15.76 7.85
C VAL B 6 -25.69 17.00 8.73
N GLU B 7 -26.27 16.88 9.92
CA GLU B 7 -26.25 17.96 10.89
C GLU B 7 -24.83 18.32 11.31
N ILE B 8 -24.48 19.59 11.19
CA ILE B 8 -23.27 20.11 11.81
C ILE B 8 -23.69 20.90 13.03
N GLU B 9 -23.41 20.34 14.21
CA GLU B 9 -23.81 20.95 15.47
C GLU B 9 -23.14 22.30 15.68
N ASP B 10 -23.89 23.27 16.20
CA ASP B 10 -23.36 24.59 16.51
C ASP B 10 -22.52 24.55 17.78
N THR B 11 -21.29 24.09 17.61
CA THR B 11 -20.35 24.01 18.72
C THR B 11 -18.94 24.28 18.21
N TYR B 12 -17.97 24.16 19.10
CA TYR B 12 -16.58 24.46 18.76
C TYR B 12 -15.61 23.44 19.36
N ALA B 13 -14.46 23.32 18.70
CA ALA B 13 -13.32 22.57 19.20
C ALA B 13 -12.42 23.49 20.02
N GLU B 14 -11.98 23.01 21.18
CA GLU B 14 -11.10 23.77 22.04
C GLU B 14 -9.68 23.22 21.92
N ALA B 15 -8.77 24.07 21.46
CA ALA B 15 -7.40 23.66 21.18
C ALA B 15 -6.37 24.43 22.01
N PHE B 16 -5.27 23.76 22.33
CA PHE B 16 -4.22 24.29 23.21
C PHE B 16 -2.97 24.67 22.41
N PRO B 17 -2.12 25.54 22.98
CA PRO B 17 -0.80 25.77 22.40
C PRO B 17 0.13 24.57 22.54
N ILE B 18 0.99 24.38 21.55
CA ILE B 18 2.02 23.35 21.64
C ILE B 18 3.25 23.74 20.80
N LYS B 19 4.42 23.23 21.20
CA LYS B 19 5.64 23.45 20.43
C LYS B 19 5.70 22.43 19.30
N ILE B 20 5.82 22.93 18.07
CA ILE B 20 5.83 22.09 16.87
C ILE B 20 7.10 22.31 16.04
N ALA B 21 7.87 21.24 15.83
CA ALA B 21 8.94 21.26 14.83
C ALA B 21 8.49 20.58 13.52
N ARG B 22 8.86 21.21 12.43
CA ARG B 22 8.62 20.71 11.06
C ARG B 22 9.93 20.20 10.46
N VAL B 23 9.89 18.97 9.94
CA VAL B 23 11.05 18.34 9.33
C VAL B 23 10.65 17.81 7.93
N LEU B 24 11.45 18.13 6.91
CA LEU B 24 11.28 17.50 5.60
C LEU B 24 12.20 16.30 5.50
N ILE B 25 11.61 15.13 5.25
CA ILE B 25 12.41 13.92 5.00
C ILE B 25 12.31 13.56 3.53
N THR B 26 13.44 13.56 2.84
CA THR B 26 13.48 13.05 1.47
C THR B 26 14.13 11.66 1.42
N ALA B 27 13.85 10.93 0.36
CA ALA B 27 14.41 9.60 0.16
C ALA B 27 14.42 9.25 -1.31
N ALA B 28 14.93 8.06 -1.64
CA ALA B 28 15.08 7.65 -3.04
C ALA B 28 13.73 7.56 -3.75
N THR B 29 12.71 7.11 -3.05
CA THR B 29 11.35 7.02 -3.58
C THR B 29 10.36 7.44 -2.51
N LYS B 30 9.09 7.59 -2.91
CA LYS B 30 7.98 7.83 -2.00
C LYS B 30 7.90 6.81 -0.86
N ARG B 31 8.01 5.53 -1.21
CA ARG B 31 7.85 4.43 -0.23
C ARG B 31 8.85 4.55 0.92
N TRP B 32 10.09 4.86 0.56
CA TRP B 32 11.16 4.96 1.55
C TRP B 32 11.08 6.24 2.37
N ALA B 33 10.63 7.33 1.75
CA ALA B 33 10.34 8.55 2.50
C ALA B 33 9.25 8.27 3.51
N LEU B 34 8.24 7.52 3.09
CA LEU B 34 7.08 7.26 3.96
C LEU B 34 7.43 6.27 5.08
N VAL B 35 8.32 5.32 4.78
CA VAL B 35 8.79 4.34 5.75
C VAL B 35 9.50 5.06 6.91
N ALA B 36 10.40 5.97 6.57
CA ALA B 36 11.16 6.72 7.56
C ALA B 36 10.25 7.67 8.35
N ALA B 37 9.38 8.39 7.64
CA ALA B 37 8.45 9.34 8.26
C ALA B 37 7.48 8.68 9.23
N THR B 38 7.01 7.48 8.86
CA THR B 38 6.11 6.70 9.71
C THR B 38 6.82 6.26 10.98
N GLU B 39 8.01 5.68 10.82
CA GLU B 39 8.81 5.22 11.95
C GLU B 39 9.17 6.37 12.91
N ALA B 40 9.58 7.50 12.34
CA ALA B 40 9.95 8.68 13.10
C ALA B 40 8.79 9.25 13.90
N THR B 41 7.57 9.11 13.39
CA THR B 41 6.39 9.70 14.02
C THR B 41 5.51 8.68 14.73
N GLY B 42 5.97 7.44 14.85
CA GLY B 42 5.24 6.42 15.59
C GLY B 42 5.35 6.64 17.09
N PHE B 43 4.53 5.90 17.86
CA PHE B 43 4.47 6.06 19.32
C PHE B 43 4.38 7.54 19.69
N ALA B 44 3.40 8.22 19.11
CA ALA B 44 3.27 9.67 19.26
C ALA B 44 1.85 10.14 18.98
N THR B 45 0.88 9.50 19.63
CA THR B 45 -0.52 9.87 19.48
C THR B 45 -0.88 11.09 20.32
N SER B 46 -0.41 11.12 21.57
CA SER B 46 -0.69 12.22 22.50
C SER B 46 0.50 12.42 23.45
N VAL B 47 0.91 13.67 23.62
CA VAL B 47 2.06 13.99 24.47
C VAL B 47 1.76 13.86 25.97
N ILE B 48 0.48 13.77 26.32
CA ILE B 48 0.06 13.54 27.71
C ILE B 48 0.50 12.18 28.24
N MET B 49 0.83 11.25 27.33
CA MET B 49 1.25 9.91 27.73
C MET B 49 2.33 9.32 26.82
N CYS B 50 2.52 9.93 25.66
CA CYS B 50 3.58 9.51 24.73
C CYS B 50 4.77 10.46 24.87
N PRO B 51 5.94 10.05 24.35
CA PRO B 51 7.10 10.95 24.30
C PRO B 51 6.82 12.22 23.51
N ALA B 52 5.91 12.13 22.54
CA ALA B 52 5.55 13.28 21.72
C ALA B 52 4.20 13.10 21.03
N GLU B 53 3.77 14.17 20.36
CA GLU B 53 2.65 14.16 19.43
C GLU B 53 3.22 14.38 18.03
N ALA B 54 3.16 13.37 17.17
CA ALA B 54 3.78 13.48 15.85
C ALA B 54 2.93 12.85 14.75
N GLY B 55 3.20 13.24 13.51
CA GLY B 55 2.52 12.63 12.38
C GLY B 55 2.98 13.16 11.04
N ILE B 56 2.46 12.56 9.97
CA ILE B 56 2.75 13.02 8.63
C ILE B 56 1.83 14.19 8.27
N GLU B 57 2.42 15.26 7.77
CA GLU B 57 1.68 16.45 7.41
C GLU B 57 1.17 16.36 5.98
N ARG B 58 2.09 16.11 5.06
CA ARG B 58 1.77 15.97 3.64
C ARG B 58 2.95 15.35 2.92
N LEU B 59 2.66 14.75 1.77
CA LEU B 59 3.70 14.31 0.87
C LEU B 59 4.32 15.53 0.19
N ALA B 60 5.65 15.51 0.08
CA ALA B 60 6.38 16.54 -0.65
C ALA B 60 6.71 16.07 -2.07
N SER B 61 6.44 16.94 -3.03
CA SER B 61 6.75 16.64 -4.43
C SER B 61 8.26 16.78 -4.72
N PRO B 62 8.78 15.97 -5.65
CA PRO B 62 10.16 16.16 -6.15
C PRO B 62 10.44 17.58 -6.63
N SER B 63 9.40 18.32 -6.98
CA SER B 63 9.54 19.66 -7.54
C SER B 63 9.74 20.76 -6.48
N GLU B 64 9.57 20.43 -5.21
CA GLU B 64 9.61 21.44 -4.15
C GLU B 64 10.66 21.15 -3.07
N THR B 65 11.39 20.05 -3.22
CA THR B 65 12.36 19.62 -2.23
C THR B 65 13.76 20.12 -2.61
N PRO B 66 14.60 20.43 -1.60
CA PRO B 66 15.94 20.99 -1.86
C PRO B 66 16.79 20.12 -2.79
N ASP B 67 16.56 18.81 -2.74
CA ASP B 67 17.36 17.85 -3.53
C ASP B 67 16.61 17.27 -4.72
N GLY B 68 15.36 17.69 -4.90
CA GLY B 68 14.59 17.26 -6.06
C GLY B 68 14.12 15.83 -5.95
N ARG B 69 14.19 15.29 -4.74
CA ARG B 69 13.73 13.92 -4.46
C ARG B 69 12.37 13.97 -3.78
N PRO B 70 11.59 12.88 -3.88
CA PRO B 70 10.31 12.76 -3.16
C PRO B 70 10.53 12.78 -1.65
N GLY B 71 9.59 13.38 -0.93
CA GLY B 71 9.75 13.51 0.51
C GLY B 71 8.44 13.58 1.25
N VAL B 72 8.54 13.69 2.57
CA VAL B 72 7.39 13.69 3.47
C VAL B 72 7.65 14.73 4.57
N TYR B 73 6.77 15.73 4.67
CA TYR B 73 6.80 16.66 5.80
C TYR B 73 6.15 16.01 7.02
N VAL B 74 6.85 16.07 8.15
CA VAL B 74 6.30 15.61 9.42
C VAL B 74 6.37 16.72 10.46
N GLN B 75 5.44 16.69 11.40
CA GLN B 75 5.50 17.58 12.56
C GLN B 75 5.68 16.73 13.80
N ILE B 76 6.58 17.16 14.68
CA ILE B 76 6.74 16.56 16.00
C ILE B 76 6.45 17.63 17.07
N CYS B 77 5.68 17.25 18.09
CA CYS B 77 5.11 18.21 19.04
C CYS B 77 5.33 17.82 20.51
N THR B 78 5.74 18.79 21.32
CA THR B 78 5.79 18.64 22.78
C THR B 78 5.38 19.97 23.44
N PHE B 79 5.15 19.94 24.75
CA PHE B 79 4.80 21.15 25.49
C PHE B 79 5.98 22.10 25.63
N LYS B 80 7.19 21.54 25.80
CA LYS B 80 8.41 22.32 26.00
C LYS B 80 9.38 22.25 24.82
N TYR B 81 9.94 23.40 24.44
CA TYR B 81 11.00 23.50 23.42
C TYR B 81 12.20 22.60 23.66
N GLU B 82 12.43 22.27 24.93
CA GLU B 82 13.56 21.45 25.33
C GLU B 82 13.31 19.98 25.04
N ALA B 83 12.15 19.49 25.49
CA ALA B 83 11.75 18.12 25.21
C ALA B 83 11.52 17.91 23.71
N LEU B 84 11.28 19.00 22.99
CA LEU B 84 11.14 18.95 21.53
C LEU B 84 12.47 18.65 20.85
N GLU B 85 13.53 19.34 21.27
CA GLU B 85 14.87 19.07 20.78
C GLU B 85 15.28 17.64 21.11
N GLU B 86 15.01 17.20 22.33
CA GLU B 86 15.25 15.82 22.72
C GLU B 86 14.51 14.82 21.82
N GLN B 87 13.28 15.14 21.45
CA GLN B 87 12.51 14.28 20.56
C GLN B 87 13.04 14.30 19.13
N LEU B 88 13.35 15.50 18.63
CA LEU B 88 13.96 15.65 17.32
C LEU B 88 15.26 14.85 17.21
N LEU B 89 16.02 14.80 18.29
CA LEU B 89 17.29 14.09 18.33
C LEU B 89 17.11 12.58 18.38
N GLU B 90 16.22 12.11 19.24
CA GLU B 90 15.98 10.67 19.42
C GLU B 90 15.25 10.09 18.19
N ARG B 91 14.33 10.85 17.63
CA ARG B 91 13.49 10.39 16.53
C ARG B 91 14.22 10.44 15.18
N ILE B 92 14.85 11.58 14.89
CA ILE B 92 15.60 11.75 13.65
C ILE B 92 16.89 10.95 13.63
N GLY B 93 17.55 10.89 14.78
CA GLY B 93 18.78 10.13 14.88
C GLY B 93 18.56 8.64 14.79
N GLN B 94 17.50 8.15 15.42
CA GLN B 94 17.29 6.71 15.58
C GLN B 94 16.35 6.11 14.52
N CYS B 95 15.61 6.96 13.82
CA CYS B 95 14.55 6.49 12.95
C CYS B 95 14.70 6.99 11.53
N VAL B 96 15.49 8.05 11.35
CA VAL B 96 15.67 8.64 10.02
C VAL B 96 17.12 8.55 9.52
N LEU B 97 18.09 8.90 10.36
CA LEU B 97 19.50 8.65 10.04
C LEU B 97 19.71 7.17 9.75
N THR B 98 18.99 6.32 10.48
CA THR B 98 19.12 4.88 10.36
C THR B 98 18.26 4.28 9.23
N ALA B 99 17.40 5.10 8.62
CA ALA B 99 16.49 4.62 7.58
C ALA B 99 17.11 4.73 6.19
N PRO B 100 16.78 3.76 5.30
CA PRO B 100 17.32 3.75 3.93
C PRO B 100 17.04 5.00 3.09
N THR B 101 18.14 5.58 2.58
CA THR B 101 18.17 6.65 1.55
C THR B 101 17.70 8.04 1.97
N THR B 102 17.47 8.25 3.27
CA THR B 102 16.88 9.50 3.73
C THR B 102 17.86 10.67 3.79
N ALA B 103 17.33 11.87 3.55
CA ALA B 103 17.96 13.12 3.94
C ALA B 103 16.96 13.89 4.76
N VAL B 104 17.45 14.72 5.69
CA VAL B 104 16.55 15.59 6.45
C VAL B 104 16.83 17.06 6.18
N PHE B 105 15.76 17.80 5.95
CA PHE B 105 15.83 19.24 5.72
C PHE B 105 14.91 20.00 6.70
N ASN B 106 15.24 21.26 6.94
CA ASN B 106 14.50 22.12 7.85
C ASN B 106 13.14 22.45 7.25
N GLY B 107 12.07 22.08 7.96
CA GLY B 107 10.73 22.37 7.48
C GLY B 107 10.25 23.77 7.81
N LEU B 108 10.85 24.38 8.84
CA LEU B 108 10.53 25.75 9.23
C LEU B 108 11.78 26.63 9.18
N PRO B 109 12.25 27.00 7.98
CA PRO B 109 13.52 27.71 7.82
C PRO B 109 13.54 29.12 8.44
N GLU B 110 12.37 29.73 8.59
CA GLU B 110 12.27 31.12 9.05
C GLU B 110 11.95 31.25 10.55
N ALA B 111 11.73 30.11 11.21
CA ALA B 111 11.38 30.11 12.63
C ALA B 111 12.48 30.72 13.50
N GLU B 112 12.07 31.33 14.61
CA GLU B 112 13.02 31.98 15.51
C GLU B 112 13.83 30.97 16.30
N LYS B 113 13.16 29.95 16.81
CA LYS B 113 13.87 28.82 17.42
C LYS B 113 14.39 27.93 16.32
N GLN B 114 15.68 27.62 16.42
CA GLN B 114 16.36 26.74 15.48
C GLN B 114 17.26 25.77 16.23
N ASP B 115 16.78 24.54 16.43
CA ASP B 115 17.57 23.50 17.06
C ASP B 115 18.57 22.93 16.04
N ASN B 116 19.84 22.89 16.43
CA ASN B 116 20.93 22.55 15.50
C ASN B 116 21.10 21.04 15.36
N VAL B 117 20.00 20.36 15.00
CA VAL B 117 19.97 18.91 14.99
C VAL B 117 20.94 18.29 13.98
N GLY B 118 21.08 18.94 12.83
CA GLY B 118 22.03 18.48 11.83
C GLY B 118 23.46 18.50 12.34
N PHE B 119 23.81 19.60 13.02
CA PHE B 119 25.11 19.75 13.67
C PHE B 119 25.35 18.62 14.67
N LYS B 120 24.39 18.37 15.54
CA LYS B 120 24.56 17.38 16.59
C LYS B 120 24.63 15.95 16.04
N LEU B 121 24.00 15.72 14.89
CA LEU B 121 23.95 14.39 14.27
C LEU B 121 25.26 14.03 13.57
N LYS B 122 25.95 15.04 13.05
CA LYS B 122 27.17 14.85 12.28
C LYS B 122 28.24 14.08 13.04
N PHE B 123 28.26 14.25 14.36
CA PHE B 123 29.31 13.66 15.18
C PHE B 123 29.30 12.14 15.15
N PHE B 124 28.17 11.55 14.74
CA PHE B 124 28.08 10.09 14.57
C PHE B 124 29.12 9.60 13.54
N ALA B 125 29.52 10.50 12.65
CA ALA B 125 30.51 10.21 11.61
C ALA B 125 31.94 10.18 12.16
N ASP B 126 32.13 10.66 13.39
CA ASP B 126 33.34 10.41 14.17
C ASP B 126 34.62 10.93 13.50
N GLY B 127 34.55 12.13 12.93
CA GLY B 127 35.67 12.72 12.24
C GLY B 127 35.50 12.78 10.73
N MET B 128 34.71 11.86 10.18
CA MET B 128 34.53 11.78 8.73
C MET B 128 33.43 12.71 8.21
N GLU B 129 32.96 13.64 9.04
CA GLU B 129 31.95 14.61 8.63
C GLU B 129 32.45 15.53 7.54
N SER B 130 31.50 16.03 6.76
CA SER B 130 31.77 17.01 5.72
C SER B 130 30.68 18.06 5.80
N GLU B 131 30.97 19.24 5.25
CA GLU B 131 29.97 20.28 5.13
C GLU B 131 29.77 20.57 3.64
N THR B 132 28.52 20.61 3.21
CA THR B 132 28.21 20.96 1.83
C THR B 132 26.96 21.86 1.77
N GLN B 133 26.59 22.26 0.57
CA GLN B 133 25.49 23.19 0.37
C GLN B 133 24.49 22.66 -0.63
N ILE B 134 23.27 22.41 -0.16
CA ILE B 134 22.17 22.01 -1.03
C ILE B 134 21.12 23.11 -1.10
N ALA B 135 20.94 23.68 -2.29
CA ALA B 135 19.97 24.75 -2.52
C ALA B 135 20.07 25.86 -1.45
N GLY B 136 21.29 26.38 -1.30
CA GLY B 136 21.53 27.46 -0.35
C GLY B 136 21.47 27.05 1.12
N ARG B 137 21.35 25.76 1.37
CA ARG B 137 21.17 25.24 2.73
C ARG B 137 22.47 24.58 3.23
N LYS B 138 22.80 24.89 4.48
CA LYS B 138 23.97 24.34 5.15
C LYS B 138 23.68 22.91 5.59
N VAL B 139 24.30 21.95 4.91
CA VAL B 139 24.02 20.53 5.13
C VAL B 139 25.30 19.78 5.52
N TYR B 140 25.19 18.95 6.55
CA TYR B 140 26.28 18.07 6.94
C TYR B 140 26.16 16.71 6.27
N LYS B 141 27.28 16.17 5.80
CA LYS B 141 27.34 14.81 5.27
C LYS B 141 27.84 13.87 6.35
N VAL B 142 27.13 12.76 6.53
CA VAL B 142 27.48 11.78 7.55
C VAL B 142 27.63 10.38 6.94
N PRO B 143 28.87 10.02 6.53
CA PRO B 143 29.16 8.71 5.93
C PRO B 143 28.67 7.58 6.81
N ILE B 144 27.76 6.77 6.27
CA ILE B 144 27.27 5.56 6.91
C ILE B 144 27.36 4.41 5.91
N MET B 145 26.90 3.23 6.30
CA MET B 145 27.04 2.04 5.47
C MET B 145 26.42 2.21 4.08
N GLU B 146 25.31 2.94 3.99
CA GLU B 146 24.57 3.07 2.74
C GLU B 146 25.18 4.10 1.78
N GLY B 147 26.05 4.96 2.29
CA GLY B 147 26.45 6.16 1.57
C GLY B 147 26.49 7.34 2.53
N ASP B 148 26.20 8.54 2.04
CA ASP B 148 26.18 9.71 2.90
C ASP B 148 24.78 10.03 3.41
N PHE B 149 24.63 10.14 4.73
CA PHE B 149 23.43 10.73 5.30
C PHE B 149 23.56 12.24 5.33
N LEU B 150 22.60 12.90 4.71
CA LEU B 150 22.59 14.36 4.59
C LEU B 150 21.59 14.98 5.56
N ALA B 151 22.06 15.87 6.43
CA ALA B 151 21.20 16.53 7.40
C ALA B 151 21.48 18.03 7.40
N GLU B 152 20.44 18.81 7.15
CA GLU B 152 20.57 20.27 7.24
C GLU B 152 20.86 20.67 8.67
N GLU B 153 21.59 21.78 8.83
CA GLU B 153 22.12 22.18 10.13
C GLU B 153 21.04 22.31 11.19
N ASN B 154 19.95 23.00 10.85
CA ASN B 154 18.90 23.32 11.81
C ASN B 154 17.54 22.70 11.49
N ILE B 155 16.75 22.45 12.53
CA ILE B 155 15.32 22.19 12.38
C ILE B 155 14.51 23.26 13.13
N GLY B 156 13.68 23.98 12.37
CA GLY B 156 12.86 25.06 12.92
C GLY B 156 11.68 24.57 13.74
N ALA B 157 11.31 25.38 14.73
CA ALA B 157 10.20 25.07 15.62
C ALA B 157 9.45 26.35 15.97
N ILE B 158 8.12 26.27 16.01
CA ILE B 158 7.31 27.41 16.40
C ILE B 158 6.28 27.02 17.46
N ALA B 159 5.52 28.01 17.92
CA ALA B 159 4.35 27.75 18.74
C ALA B 159 3.12 27.60 17.84
N GLY B 160 2.62 26.37 17.75
CA GLY B 160 1.43 26.10 16.98
C GLY B 160 0.30 25.61 17.87
N ILE B 161 -0.58 24.79 17.32
CA ILE B 161 -1.81 24.41 18.00
C ILE B 161 -2.03 22.89 18.00
N ALA B 162 -2.39 22.35 19.16
CA ALA B 162 -2.77 20.95 19.29
C ALA B 162 -4.20 20.84 19.76
N GLY B 163 -4.99 19.99 19.10
CA GLY B 163 -6.28 19.63 19.66
C GLY B 163 -7.49 20.21 18.95
N GLY B 164 -7.27 20.82 17.79
CA GLY B 164 -8.38 21.02 16.87
C GLY B 164 -8.98 19.66 16.54
N ASN B 165 -10.30 19.58 16.39
CA ASN B 165 -10.94 18.28 16.25
C ASN B 165 -12.33 18.36 15.68
N PHE B 166 -12.87 17.19 15.34
CA PHE B 166 -14.30 17.03 15.17
C PHE B 166 -14.72 15.58 15.34
N PHE B 167 -15.98 15.37 15.70
CA PHE B 167 -16.51 14.05 15.98
C PHE B 167 -17.41 13.63 14.83
N ILE B 168 -17.35 12.34 14.47
CA ILE B 168 -18.17 11.78 13.40
C ILE B 168 -19.11 10.74 14.00
N PHE B 169 -20.41 11.01 13.93
CA PHE B 169 -21.43 10.08 14.43
C PHE B 169 -22.01 9.31 13.25
N GLY B 170 -21.96 7.97 13.34
CA GLY B 170 -22.45 7.15 12.24
C GLY B 170 -23.43 6.09 12.69
N ASP B 171 -24.22 5.57 11.75
CA ASP B 171 -25.18 4.53 12.06
C ASP B 171 -24.55 3.18 12.38
N SER B 172 -23.32 2.98 11.91
CA SER B 172 -22.58 1.76 12.19
C SER B 172 -21.12 2.11 12.40
N GLN B 173 -20.35 1.19 12.96
CA GLN B 173 -18.92 1.44 13.18
C GLN B 173 -18.19 1.72 11.88
N MET B 174 -18.52 0.95 10.85
CA MET B 174 -17.79 1.06 9.60
C MET B 174 -18.22 2.27 8.78
N THR B 175 -19.43 2.75 9.01
CA THR B 175 -19.85 4.02 8.43
C THR B 175 -18.99 5.15 8.99
N ALA B 176 -18.89 5.21 10.32
CA ALA B 176 -18.14 6.29 10.97
C ALA B 176 -16.65 6.22 10.66
N LEU B 177 -16.11 5.01 10.64
CA LEU B 177 -14.68 4.82 10.38
C LEU B 177 -14.33 5.20 8.94
N THR B 178 -15.20 4.87 8.01
CA THR B 178 -14.96 5.20 6.60
C THR B 178 -15.01 6.70 6.40
N ALA B 179 -15.90 7.37 7.11
CA ALA B 179 -15.97 8.83 7.10
C ALA B 179 -14.66 9.40 7.64
N ALA B 180 -14.20 8.84 8.76
CA ALA B 180 -12.95 9.23 9.38
C ALA B 180 -11.76 8.97 8.46
N GLU B 181 -11.74 7.80 7.83
CA GLU B 181 -10.72 7.46 6.83
C GLU B 181 -10.67 8.48 5.70
N ALA B 182 -11.82 8.81 5.14
CA ALA B 182 -11.91 9.80 4.06
C ALA B 182 -11.48 11.20 4.51
N ALA B 183 -11.78 11.53 5.77
CA ALA B 183 -11.35 12.79 6.37
C ALA B 183 -9.83 12.88 6.55
N VAL B 184 -9.22 11.84 7.10
CA VAL B 184 -7.78 11.83 7.31
C VAL B 184 -7.01 11.91 5.98
N ASP B 185 -7.49 11.21 4.96
CA ASP B 185 -6.84 11.22 3.65
C ASP B 185 -6.82 12.63 3.06
N THR B 186 -7.93 13.35 3.25
CA THR B 186 -8.07 14.71 2.74
C THR B 186 -7.17 15.67 3.50
N ILE B 187 -7.09 15.49 4.81
CA ILE B 187 -6.23 16.33 5.65
C ILE B 187 -4.75 16.07 5.36
N ALA B 188 -4.43 14.84 4.95
CA ALA B 188 -3.06 14.49 4.61
C ALA B 188 -2.61 15.09 3.29
N GLU B 189 -3.54 15.71 2.57
CA GLU B 189 -3.22 16.45 1.34
C GLU B 189 -2.86 17.90 1.64
N LEU B 190 -3.22 18.36 2.84
CA LEU B 190 -3.16 19.79 3.14
C LEU B 190 -1.92 20.15 3.95
N GLU B 191 -1.36 21.31 3.63
CA GLU B 191 -0.21 21.85 4.35
C GLU B 191 -0.56 22.42 5.72
N GLY B 192 0.34 22.21 6.67
CA GLY B 192 0.25 22.89 7.95
C GLY B 192 -0.32 22.05 9.07
N THR B 193 -0.90 20.90 8.75
CA THR B 193 -1.62 20.09 9.74
C THR B 193 -1.16 18.64 9.79
N ILE B 194 -1.26 18.04 10.98
CA ILE B 194 -1.11 16.60 11.13
C ILE B 194 -2.32 16.02 11.88
N THR B 195 -2.42 14.69 11.88
CA THR B 195 -3.46 13.99 12.63
C THR B 195 -2.84 12.85 13.42
N PRO B 196 -2.42 13.10 14.67
CA PRO B 196 -1.39 12.29 15.33
C PRO B 196 -1.85 10.91 15.81
N PHE B 197 -3.15 10.68 15.89
CA PHE B 197 -3.65 9.40 16.37
C PHE B 197 -3.45 8.27 15.35
N PRO B 198 -3.64 7.00 15.76
CA PRO B 198 -3.35 5.87 14.86
C PRO B 198 -4.15 5.91 13.56
N GLY B 199 -3.45 6.01 12.44
CA GLY B 199 -4.12 6.23 11.17
C GLY B 199 -4.86 7.56 11.11
N GLY B 200 -4.52 8.47 12.02
CA GLY B 200 -5.14 9.79 12.10
C GLY B 200 -6.44 9.84 12.89
N ILE B 201 -6.83 8.72 13.52
CA ILE B 201 -8.18 8.55 14.02
C ILE B 201 -8.22 8.12 15.49
N VAL B 202 -9.01 8.85 16.28
CA VAL B 202 -9.28 8.53 17.68
C VAL B 202 -10.46 7.56 17.77
N ALA B 203 -10.19 6.36 18.27
CA ALA B 203 -11.23 5.34 18.48
C ALA B 203 -11.76 5.38 19.91
N SER B 204 -10.98 5.99 20.80
CA SER B 204 -11.22 5.88 22.24
C SER B 204 -12.02 7.07 22.77
N GLY B 205 -11.46 8.27 22.62
CA GLY B 205 -12.04 9.45 23.23
C GLY B 205 -11.65 9.54 24.70
N SER B 206 -11.96 10.67 25.34
CA SER B 206 -11.45 10.96 26.67
C SER B 206 -12.22 12.09 27.34
N LYS B 207 -12.45 11.94 28.63
CA LYS B 207 -12.83 13.07 29.49
C LYS B 207 -11.73 13.32 30.52
N SER B 208 -11.65 14.57 31.01
CA SER B 208 -10.67 14.93 32.04
C SER B 208 -11.07 14.32 33.37
N GLY B 209 -10.12 13.65 34.01
CA GLY B 209 -10.40 13.01 35.28
C GLY B 209 -11.30 11.79 35.14
N ALA B 210 -12.07 11.51 36.19
CA ALA B 210 -12.85 10.31 36.28
C ALA B 210 -14.02 10.47 37.25
N ASN B 211 -14.93 9.50 37.24
CA ASN B 211 -16.07 9.46 38.17
C ASN B 211 -15.79 8.42 39.24
N LYS B 212 -15.18 7.30 38.84
CA LYS B 212 -14.93 6.18 39.75
C LYS B 212 -13.47 6.14 40.17
N TYR B 213 -12.56 6.28 39.20
CA TYR B 213 -11.13 6.20 39.47
C TYR B 213 -10.46 7.57 39.42
N LYS B 214 -10.59 8.32 40.51
CA LYS B 214 -10.18 9.72 40.54
C LYS B 214 -8.67 9.93 40.46
N PHE B 215 -7.92 8.84 40.57
CA PHE B 215 -6.46 8.90 40.47
C PHE B 215 -5.99 9.09 39.02
N LEU B 216 -6.82 8.67 38.08
CA LEU B 216 -6.50 8.74 36.65
C LEU B 216 -6.64 10.15 36.05
N LYS B 217 -5.70 10.48 35.16
CA LYS B 217 -5.65 11.78 34.53
C LYS B 217 -6.72 11.94 33.45
N ALA B 218 -7.07 10.82 32.82
CA ALA B 218 -8.04 10.81 31.74
C ALA B 218 -8.71 9.45 31.66
N THR B 219 -10.00 9.46 31.33
CA THR B 219 -10.77 8.22 31.19
C THR B 219 -11.71 8.32 29.98
N ALA B 220 -12.26 7.18 29.59
CA ALA B 220 -13.33 7.14 28.58
C ALA B 220 -14.50 8.03 28.98
N ASN B 221 -14.91 8.90 28.07
CA ASN B 221 -16.14 9.68 28.20
C ASN B 221 -17.35 8.78 27.97
N GLU B 222 -17.95 8.32 29.06
CA GLU B 222 -19.12 7.44 29.03
C GLU B 222 -20.29 7.99 28.20
N ARG B 223 -20.33 9.30 28.01
CA ARG B 223 -21.43 9.93 27.25
C ARG B 223 -21.25 9.77 25.74
N PHE B 224 -20.06 9.39 25.31
CA PHE B 224 -19.80 9.13 23.89
C PHE B 224 -19.51 7.66 23.58
N CYS B 225 -19.97 6.77 24.45
CA CYS B 225 -19.77 5.34 24.27
C CYS B 225 -21.09 4.68 23.88
N PRO B 226 -21.22 4.27 22.61
CA PRO B 226 -22.44 3.65 22.06
C PRO B 226 -22.92 2.40 22.79
N SER B 227 -21.98 1.55 23.20
CA SER B 227 -22.30 0.23 23.76
C SER B 227 -22.96 0.28 25.14
N ILE B 228 -22.86 1.42 25.81
CA ILE B 228 -23.43 1.58 27.15
C ILE B 228 -24.38 2.78 27.21
N LYS B 229 -24.88 3.21 26.05
CA LYS B 229 -25.65 4.45 25.95
C LYS B 229 -26.99 4.41 26.68
N ASP B 230 -27.52 3.21 26.91
CA ASP B 230 -28.79 3.06 27.61
C ASP B 230 -28.61 3.06 29.14
N LYS B 231 -27.36 2.91 29.59
CA LYS B 231 -27.01 3.05 31.00
C LYS B 231 -26.65 4.49 31.39
N ILE B 232 -26.51 5.36 30.38
CA ILE B 232 -25.94 6.69 30.57
C ILE B 232 -26.98 7.73 30.12
N GLU B 233 -27.75 8.26 31.06
CA GLU B 233 -28.99 8.96 30.71
C GLU B 233 -28.79 10.38 30.20
N ASN B 234 -27.53 10.82 30.18
CA ASN B 234 -27.14 12.08 29.56
C ASN B 234 -26.31 11.81 28.29
N THR B 235 -26.54 10.65 27.68
CA THR B 235 -25.75 10.18 26.53
C THR B 235 -25.84 11.10 25.31
N GLU B 236 -24.73 11.20 24.60
CA GLU B 236 -24.66 11.96 23.35
C GLU B 236 -24.86 11.03 22.15
N ILE B 237 -25.05 9.75 22.42
CA ILE B 237 -25.31 8.77 21.37
C ILE B 237 -26.81 8.56 21.23
N PRO B 238 -27.42 9.06 20.13
CA PRO B 238 -28.82 8.76 19.78
C PRO B 238 -29.07 7.28 19.48
N ALA B 239 -30.33 6.91 19.30
CA ALA B 239 -30.70 5.53 18.98
C ALA B 239 -30.22 5.10 17.60
N ASP B 240 -30.15 6.06 16.66
CA ASP B 240 -29.72 5.77 15.29
C ASP B 240 -28.19 5.86 15.08
N VAL B 241 -27.46 6.10 16.16
CA VAL B 241 -26.00 6.17 16.10
C VAL B 241 -25.41 4.97 16.85
N ASN B 242 -24.45 4.30 16.24
CA ASN B 242 -23.82 3.13 16.86
C ASN B 242 -22.30 3.25 17.04
N ALA B 243 -21.73 4.37 16.60
CA ALA B 243 -20.29 4.55 16.68
C ALA B 243 -19.90 6.01 16.45
N VAL B 244 -18.88 6.45 17.20
CA VAL B 244 -18.30 7.77 17.02
C VAL B 244 -16.79 7.61 16.84
N TYR B 245 -16.24 8.33 15.88
CA TYR B 245 -14.80 8.50 15.78
C TYR B 245 -14.49 9.99 15.82
N GLU B 246 -13.31 10.31 16.32
CA GLU B 246 -12.86 11.68 16.38
C GLU B 246 -11.59 11.83 15.57
N ILE B 247 -11.46 12.97 14.89
CA ILE B 247 -10.23 13.32 14.22
C ILE B 247 -9.57 14.44 15.02
N VAL B 248 -8.42 14.14 15.62
CA VAL B 248 -7.62 15.17 16.31
C VAL B 248 -6.60 15.77 15.34
N ILE B 249 -6.56 17.10 15.30
CA ILE B 249 -5.70 17.83 14.36
C ILE B 249 -4.79 18.83 15.10
N ASN B 250 -3.49 18.74 14.81
CA ASN B 250 -2.50 19.74 15.23
C ASN B 250 -2.02 20.51 13.99
N GLY B 251 -1.49 21.70 14.21
CA GLY B 251 -1.07 22.51 13.08
C GLY B 251 -0.31 23.77 13.45
N LEU B 252 0.22 24.44 12.44
CA LEU B 252 1.15 25.55 12.64
C LEU B 252 0.43 26.83 13.04
N ASP B 253 -0.71 27.10 12.41
CA ASP B 253 -1.54 28.25 12.75
C ASP B 253 -3.03 27.93 12.74
N GLU B 254 -3.83 28.91 13.18
CA GLU B 254 -5.28 28.75 13.26
C GLU B 254 -5.94 28.44 11.93
N GLU B 255 -5.48 29.11 10.87
CA GLU B 255 -6.10 28.98 9.55
C GLU B 255 -5.83 27.62 8.89
N SER B 256 -4.71 27.00 9.21
CA SER B 256 -4.43 25.68 8.67
C SER B 256 -5.21 24.59 9.41
N ILE B 257 -5.43 24.77 10.71
CA ILE B 257 -6.29 23.85 11.45
C ILE B 257 -7.74 23.94 10.96
N LYS B 258 -8.19 25.15 10.67
CA LYS B 258 -9.55 25.37 10.19
C LYS B 258 -9.77 24.75 8.81
N ALA B 259 -8.80 24.93 7.91
CA ALA B 259 -8.86 24.33 6.59
C ALA B 259 -8.93 22.80 6.67
N ALA B 260 -8.20 22.22 7.61
CA ALA B 260 -8.21 20.78 7.81
C ALA B 260 -9.56 20.30 8.34
N MET B 261 -10.12 21.07 9.28
CA MET B 261 -11.43 20.75 9.86
C MET B 261 -12.55 20.86 8.83
N LYS B 262 -12.50 21.91 8.01
CA LYS B 262 -13.49 22.09 6.96
C LYS B 262 -13.45 20.99 5.91
N ALA B 263 -12.26 20.73 5.37
CA ALA B 263 -12.07 19.71 4.34
C ALA B 263 -12.43 18.33 4.88
N GLY B 264 -11.99 18.05 6.11
CA GLY B 264 -12.26 16.76 6.72
C GLY B 264 -13.74 16.52 6.93
N ILE B 265 -14.43 17.53 7.44
CA ILE B 265 -15.86 17.44 7.66
C ILE B 265 -16.62 17.23 6.35
N LYS B 266 -16.27 17.99 5.33
CA LYS B 266 -16.94 17.87 4.03
C LYS B 266 -16.70 16.51 3.37
N ALA B 267 -15.57 15.88 3.68
CA ALA B 267 -15.27 14.53 3.18
C ALA B 267 -16.07 13.50 3.95
N ALA B 268 -16.11 13.67 5.27
CA ALA B 268 -16.80 12.75 6.17
C ALA B 268 -18.27 12.62 5.83
N VAL B 269 -18.92 13.74 5.54
CA VAL B 269 -20.37 13.75 5.32
C VAL B 269 -20.77 13.18 3.95
N THR B 270 -19.80 12.77 3.15
CA THR B 270 -20.11 12.10 1.89
C THR B 270 -20.43 10.62 2.06
N VAL B 271 -20.14 10.07 3.23
CA VAL B 271 -20.37 8.64 3.48
C VAL B 271 -21.81 8.43 3.93
N PRO B 272 -22.56 7.58 3.19
CA PRO B 272 -23.94 7.26 3.58
C PRO B 272 -24.03 6.66 4.99
N GLY B 273 -24.93 7.21 5.80
CA GLY B 273 -25.12 6.71 7.15
C GLY B 273 -24.53 7.60 8.23
N VAL B 274 -23.77 8.62 7.83
CA VAL B 274 -23.28 9.60 8.81
C VAL B 274 -24.46 10.41 9.34
N LYS B 275 -24.56 10.48 10.67
CA LYS B 275 -25.72 11.08 11.33
C LYS B 275 -25.49 12.50 11.87
N LYS B 276 -24.26 12.81 12.25
CA LYS B 276 -23.96 14.09 12.89
C LYS B 276 -22.46 14.36 12.90
N ILE B 277 -22.10 15.63 12.68
CA ILE B 277 -20.74 16.12 12.92
C ILE B 277 -20.76 17.01 14.16
N SER B 278 -19.82 16.80 15.07
CA SER B 278 -19.69 17.64 16.25
C SER B 278 -18.22 17.90 16.57
N ALA B 279 -17.95 18.38 17.78
CA ALA B 279 -16.59 18.71 18.22
C ALA B 279 -16.46 18.64 19.74
N GLY B 280 -15.24 18.39 20.21
CA GLY B 280 -14.99 18.32 21.64
C GLY B 280 -14.35 19.58 22.22
N ASN B 281 -14.75 19.94 23.43
CA ASN B 281 -14.18 21.08 24.12
C ASN B 281 -14.20 20.91 25.63
N TYR B 282 -13.71 21.93 26.33
CA TYR B 282 -13.63 21.89 27.79
C TYR B 282 -14.28 23.10 28.45
N GLY B 283 -15.19 23.74 27.71
CA GLY B 283 -15.97 24.83 28.28
C GLY B 283 -15.47 26.21 27.92
N GLY B 284 -14.21 26.30 27.50
CA GLY B 284 -13.54 27.57 27.36
C GLY B 284 -12.56 27.78 28.49
N LYS B 285 -12.42 26.75 29.32
CA LYS B 285 -11.70 26.81 30.58
C LYS B 285 -10.23 26.40 30.47
N LEU B 286 -9.89 25.68 29.40
CA LEU B 286 -8.53 25.17 29.22
C LEU B 286 -7.87 25.78 27.99
N GLY B 287 -8.37 25.42 26.81
CA GLY B 287 -7.74 25.79 25.57
C GLY B 287 -7.97 27.23 25.15
N LYS B 288 -6.92 27.84 24.61
CA LYS B 288 -6.98 29.21 24.12
C LYS B 288 -7.70 29.27 22.77
N TYR B 289 -7.36 28.35 21.88
CA TYR B 289 -7.89 28.35 20.53
C TYR B 289 -9.22 27.63 20.47
N GLN B 290 -10.21 28.30 19.87
CA GLN B 290 -11.57 27.78 19.78
C GLN B 290 -12.07 27.87 18.35
N PHE B 291 -12.31 26.71 17.76
CA PHE B 291 -12.70 26.64 16.36
C PHE B 291 -14.18 26.32 16.28
N LYS B 292 -14.98 27.33 15.98
CA LYS B 292 -16.42 27.15 15.86
C LYS B 292 -16.74 26.49 14.53
N LEU B 293 -17.46 25.37 14.61
CA LEU B 293 -17.80 24.56 13.45
C LEU B 293 -18.53 25.34 12.35
N HIS B 294 -19.50 26.17 12.74
CA HIS B 294 -20.33 26.93 11.79
C HIS B 294 -19.59 28.00 10.99
N GLU B 295 -18.52 28.54 11.58
CA GLU B 295 -17.70 29.58 10.94
C GLU B 295 -16.76 29.03 9.85
N LEU B 296 -16.72 27.71 9.70
CA LEU B 296 -15.90 27.07 8.68
C LEU B 296 -16.53 27.22 7.30
N PHE B 297 -17.86 27.21 7.25
CA PHE B 297 -18.60 27.11 6.00
C PHE B 297 -19.37 28.38 5.67
N MET C 1 24.71 18.45 -22.46
CA MET C 1 23.91 18.79 -21.25
C MET C 1 23.95 17.68 -20.20
N GLU C 2 24.22 18.09 -18.96
CA GLU C 2 24.12 17.21 -17.81
C GLU C 2 23.17 17.80 -16.77
N ILE C 3 22.29 16.95 -16.25
CA ILE C 3 21.48 17.29 -15.09
C ILE C 3 21.89 16.36 -13.96
N ASN C 4 22.31 16.94 -12.84
CA ASN C 4 22.79 16.18 -11.69
C ASN C 4 23.95 15.26 -12.05
N GLY C 5 24.70 15.64 -13.09
CA GLY C 5 25.88 14.89 -13.48
C GLY C 5 25.62 13.78 -14.48
N VAL C 6 24.35 13.61 -14.86
CA VAL C 6 23.94 12.54 -15.77
C VAL C 6 23.78 13.12 -17.16
N GLU C 7 24.35 12.45 -18.16
CA GLU C 7 24.25 12.92 -19.53
C GLU C 7 22.82 12.84 -20.05
N ILE C 8 22.29 13.97 -20.50
CA ILE C 8 21.05 13.98 -21.27
C ILE C 8 21.42 13.95 -22.74
N GLU C 9 21.15 12.82 -23.38
CA GLU C 9 21.42 12.67 -24.79
C GLU C 9 20.63 13.69 -25.61
N ASP C 10 21.28 14.29 -26.60
CA ASP C 10 20.61 15.22 -27.51
C ASP C 10 19.83 14.47 -28.58
N THR C 11 18.62 14.05 -28.22
CA THR C 11 17.72 13.37 -29.13
C THR C 11 16.27 13.74 -28.79
N TYR C 12 15.33 13.02 -29.38
CA TYR C 12 13.90 13.29 -29.18
C TYR C 12 13.08 12.00 -29.16
N ALA C 13 11.95 12.06 -28.49
CA ALA C 13 10.95 11.00 -28.54
C ALA C 13 9.96 11.29 -29.67
N GLU C 14 9.66 10.25 -30.44
CA GLU C 14 8.66 10.35 -31.50
C GLU C 14 7.33 9.82 -31.03
N ALA C 15 6.36 10.73 -30.91
CA ALA C 15 5.05 10.38 -30.39
C ALA C 15 4.00 10.40 -31.48
N PHE C 16 2.93 9.63 -31.27
CA PHE C 16 1.87 9.47 -32.26
C PHE C 16 0.55 10.10 -31.83
N PRO C 17 -0.33 10.41 -32.81
CA PRO C 17 -1.72 10.72 -32.49
C PRO C 17 -2.51 9.50 -32.01
N ILE C 18 -3.37 9.73 -31.02
CA ILE C 18 -4.24 8.69 -30.46
C ILE C 18 -5.48 9.35 -29.81
N LYS C 19 -6.60 8.64 -29.82
CA LYS C 19 -7.82 9.13 -29.18
C LYS C 19 -7.78 8.78 -27.69
N ILE C 20 -8.06 9.78 -26.85
CA ILE C 20 -7.99 9.64 -25.40
C ILE C 20 -9.31 10.06 -24.75
N ALA C 21 -9.99 9.10 -24.10
CA ALA C 21 -11.10 9.42 -23.20
C ALA C 21 -10.61 9.58 -21.76
N ARG C 22 -11.09 10.63 -21.11
CA ARG C 22 -10.78 10.93 -19.71
C ARG C 22 -12.03 10.70 -18.84
N VAL C 23 -11.84 9.89 -17.79
CA VAL C 23 -12.92 9.47 -16.89
C VAL C 23 -12.51 9.77 -15.45
N LEU C 24 -13.41 10.37 -14.67
CA LEU C 24 -13.18 10.49 -13.23
C LEU C 24 -13.95 9.44 -12.46
N ILE C 25 -13.23 8.60 -11.74
CA ILE C 25 -13.85 7.62 -10.85
C ILE C 25 -13.77 8.09 -9.40
N THR C 26 -14.91 8.36 -8.78
CA THR C 26 -14.94 8.63 -7.34
C THR C 26 -15.39 7.38 -6.59
N ALA C 27 -15.06 7.34 -5.31
CA ALA C 27 -15.49 6.23 -4.46
C ALA C 27 -15.49 6.68 -3.00
N ALA C 28 -15.84 5.77 -2.11
CA ALA C 28 -16.01 6.12 -0.70
C ALA C 28 -14.69 6.57 -0.08
N THR C 29 -13.59 5.97 -0.53
CA THR C 29 -12.25 6.29 -0.04
C THR C 29 -11.29 6.28 -1.22
N LYS C 30 -10.09 6.82 -1.00
CA LYS C 30 -8.99 6.77 -1.99
C LYS C 30 -8.73 5.33 -2.42
N ARG C 31 -8.73 4.45 -1.44
CA ARG C 31 -8.41 3.03 -1.62
C ARG C 31 -9.33 2.36 -2.65
N TRP C 32 -10.64 2.60 -2.49
CA TRP C 32 -11.66 2.01 -3.34
C TRP C 32 -11.67 2.65 -4.73
N ALA C 33 -11.40 3.95 -4.78
CA ALA C 33 -11.24 4.64 -6.05
C ALA C 33 -10.05 4.07 -6.82
N LEU C 34 -8.97 3.78 -6.10
CA LEU C 34 -7.78 3.22 -6.74
C LEU C 34 -7.98 1.78 -7.20
N VAL C 35 -8.73 1.00 -6.43
CA VAL C 35 -9.07 -0.38 -6.79
C VAL C 35 -9.77 -0.40 -8.15
N ALA C 36 -10.78 0.46 -8.29
CA ALA C 36 -11.61 0.48 -9.49
C ALA C 36 -10.84 1.03 -10.67
N ALA C 37 -10.11 2.13 -10.46
CA ALA C 37 -9.28 2.72 -11.50
C ALA C 37 -8.21 1.75 -12.01
N THR C 38 -7.67 0.94 -11.10
CA THR C 38 -6.61 -0.01 -11.44
C THR C 38 -7.18 -1.20 -12.21
N GLU C 39 -8.34 -1.70 -11.79
CA GLU C 39 -8.99 -2.80 -12.51
C GLU C 39 -9.41 -2.37 -13.92
N ALA C 40 -9.94 -1.15 -14.04
CA ALA C 40 -10.49 -0.67 -15.30
C ALA C 40 -9.40 -0.33 -16.31
N THR C 41 -8.22 0.04 -15.83
CA THR C 41 -7.09 0.39 -16.71
C THR C 41 -6.04 -0.72 -16.81
N GLY C 42 -6.39 -1.92 -16.36
CA GLY C 42 -5.51 -3.07 -16.52
C GLY C 42 -5.58 -3.67 -17.92
N PHE C 43 -4.70 -4.62 -18.21
CA PHE C 43 -4.58 -5.23 -19.54
C PHE C 43 -4.65 -4.14 -20.60
N ALA C 44 -3.78 -3.14 -20.48
CA ALA C 44 -3.84 -1.99 -21.37
C ALA C 44 -2.52 -1.22 -21.43
N THR C 45 -1.45 -1.93 -21.78
CA THR C 45 -0.13 -1.32 -21.79
C THR C 45 0.20 -0.75 -23.17
N SER C 46 -0.21 -1.47 -24.21
CA SER C 46 0.04 -1.06 -25.59
C SER C 46 -1.12 -1.50 -26.47
N VAL C 47 -1.69 -0.55 -27.21
CA VAL C 47 -2.86 -0.87 -28.04
C VAL C 47 -2.47 -1.77 -29.23
N ILE C 48 -1.16 -1.94 -29.39
CA ILE C 48 -0.57 -2.76 -30.44
C ILE C 48 -0.82 -4.26 -30.20
N MET C 49 -1.30 -4.60 -29.01
CA MET C 49 -1.71 -5.96 -28.72
C MET C 49 -2.69 -6.08 -27.54
N CYS C 50 -2.91 -4.95 -26.84
CA CYS C 50 -3.93 -4.86 -25.81
C CYS C 50 -5.17 -4.17 -26.39
N PRO C 51 -6.36 -4.42 -25.79
CA PRO C 51 -7.60 -3.78 -26.23
C PRO C 51 -7.54 -2.26 -26.14
N ALA C 52 -6.70 -1.76 -25.24
CA ALA C 52 -6.45 -0.33 -25.14
C ALA C 52 -5.11 -0.03 -24.50
N GLU C 53 -4.75 1.25 -24.52
CA GLU C 53 -3.73 1.80 -23.66
C GLU C 53 -4.44 2.65 -22.63
N ALA C 54 -4.21 2.37 -21.35
CA ALA C 54 -4.93 3.05 -20.29
C ALA C 54 -4.08 3.17 -19.06
N GLY C 55 -4.42 4.13 -18.21
CA GLY C 55 -3.72 4.28 -16.95
C GLY C 55 -4.33 5.32 -16.04
N ILE C 56 -3.74 5.45 -14.86
CA ILE C 56 -4.14 6.46 -13.89
C ILE C 56 -3.40 7.74 -14.23
N GLU C 57 -4.14 8.82 -14.41
CA GLU C 57 -3.55 10.13 -14.68
C GLU C 57 -3.07 10.79 -13.40
N ARG C 58 -3.92 10.78 -12.40
CA ARG C 58 -3.63 11.38 -11.09
C ARG C 58 -4.83 11.24 -10.16
N LEU C 59 -4.56 11.27 -8.86
CA LEU C 59 -5.61 11.20 -7.85
C LEU C 59 -6.42 12.49 -7.84
N ALA C 60 -7.71 12.37 -7.56
CA ALA C 60 -8.57 13.55 -7.42
C ALA C 60 -8.90 13.85 -5.97
N SER C 61 -8.59 15.07 -5.53
CA SER C 61 -8.99 15.56 -4.21
C SER C 61 -10.52 15.62 -4.06
N PRO C 62 -11.03 15.34 -2.85
CA PRO C 62 -12.44 15.60 -2.52
C PRO C 62 -12.86 17.05 -2.80
N SER C 63 -11.88 17.95 -2.78
CA SER C 63 -12.15 19.37 -2.99
C SER C 63 -12.41 19.75 -4.46
N GLU C 64 -12.20 18.80 -5.38
CA GLU C 64 -12.35 19.09 -6.80
C GLU C 64 -13.33 18.21 -7.57
N THR C 65 -13.85 17.16 -6.93
CA THR C 65 -14.78 16.25 -7.61
C THR C 65 -16.24 16.74 -7.51
N PRO C 66 -17.09 16.36 -8.49
CA PRO C 66 -18.50 16.79 -8.47
C PRO C 66 -19.23 16.40 -7.19
N ASP C 67 -18.93 15.20 -6.67
CA ASP C 67 -19.62 14.71 -5.47
C ASP C 67 -18.88 14.95 -4.15
N GLY C 68 -17.71 15.57 -4.21
CA GLY C 68 -16.94 15.84 -3.00
C GLY C 68 -16.25 14.62 -2.42
N ARG C 69 -16.23 13.52 -3.18
CA ARG C 69 -15.56 12.31 -2.75
C ARG C 69 -14.18 12.20 -3.38
N PRO C 70 -13.26 11.46 -2.73
CA PRO C 70 -11.96 11.15 -3.37
C PRO C 70 -12.16 10.41 -4.70
N GLY C 71 -11.28 10.67 -5.65
CA GLY C 71 -11.42 10.08 -6.97
C GLY C 71 -10.09 9.83 -7.66
N VAL C 72 -10.17 9.24 -8.84
CA VAL C 72 -9.00 8.99 -9.66
C VAL C 72 -9.36 9.30 -11.12
N TYR C 73 -8.54 10.13 -11.76
CA TYR C 73 -8.69 10.38 -13.19
C TYR C 73 -7.92 9.31 -13.96
N VAL C 74 -8.60 8.64 -14.88
CA VAL C 74 -7.93 7.70 -15.76
C VAL C 74 -8.09 8.14 -17.21
N GLN C 75 -7.17 7.68 -18.05
CA GLN C 75 -7.25 7.89 -19.48
C GLN C 75 -7.31 6.53 -20.16
N ILE C 76 -8.25 6.38 -21.08
CA ILE C 76 -8.36 5.19 -21.92
C ILE C 76 -8.16 5.62 -23.37
N CYS C 77 -7.28 4.92 -24.09
CA CYS C 77 -6.76 5.37 -25.38
C CYS C 77 -6.87 4.30 -26.46
N THR C 78 -7.41 4.69 -27.62
CA THR C 78 -7.34 3.85 -28.82
C THR C 78 -7.08 4.73 -30.05
N PHE C 79 -6.76 4.11 -31.17
CA PHE C 79 -6.54 4.84 -32.42
C PHE C 79 -7.83 5.41 -33.00
N LYS C 80 -8.88 4.59 -33.03
CA LYS C 80 -10.19 5.01 -33.53
C LYS C 80 -11.15 5.33 -32.39
N TYR C 81 -11.95 6.37 -32.58
CA TYR C 81 -12.98 6.75 -31.63
C TYR C 81 -13.98 5.62 -31.36
N GLU C 82 -14.25 4.81 -32.39
CA GLU C 82 -15.26 3.77 -32.27
C GLU C 82 -14.81 2.67 -31.31
N ALA C 83 -13.52 2.37 -31.34
CA ALA C 83 -12.95 1.38 -30.43
C ALA C 83 -12.87 1.94 -29.02
N LEU C 84 -12.67 3.26 -28.94
CA LEU C 84 -12.63 3.95 -27.67
C LEU C 84 -13.96 3.84 -26.95
N GLU C 85 -15.06 3.90 -27.69
CA GLU C 85 -16.39 3.84 -27.09
C GLU C 85 -16.71 2.45 -26.55
N GLU C 86 -16.30 1.42 -27.28
CA GLU C 86 -16.46 0.03 -26.83
C GLU C 86 -15.62 -0.22 -25.56
N GLN C 87 -14.36 0.22 -25.60
CA GLN C 87 -13.48 0.09 -24.45
C GLN C 87 -14.04 0.81 -23.22
N LEU C 88 -14.52 2.04 -23.39
CA LEU C 88 -15.19 2.77 -22.32
C LEU C 88 -16.38 1.98 -21.76
N LEU C 89 -17.20 1.42 -22.65
CA LEU C 89 -18.36 0.67 -22.23
C LEU C 89 -17.99 -0.61 -21.52
N GLU C 90 -17.01 -1.34 -22.04
CA GLU C 90 -16.61 -2.63 -21.46
C GLU C 90 -15.83 -2.44 -20.16
N ARG C 91 -14.91 -1.49 -20.18
CA ARG C 91 -14.01 -1.22 -19.03
C ARG C 91 -14.76 -0.59 -17.85
N ILE C 92 -15.66 0.33 -18.15
CA ILE C 92 -16.48 1.00 -17.12
C ILE C 92 -17.65 0.11 -16.66
N GLY C 93 -18.37 -0.46 -17.61
CA GLY C 93 -19.48 -1.33 -17.26
C GLY C 93 -19.07 -2.55 -16.47
N GLN C 94 -17.91 -3.12 -16.79
CA GLN C 94 -17.48 -4.37 -16.16
C GLN C 94 -16.48 -4.20 -15.03
N CYS C 95 -15.86 -3.03 -14.89
CA CYS C 95 -14.82 -2.84 -13.88
C CYS C 95 -15.06 -1.65 -12.96
N VAL C 96 -16.04 -0.83 -13.28
CA VAL C 96 -16.36 0.30 -12.42
C VAL C 96 -17.77 0.22 -11.87
N LEU C 97 -18.75 -0.08 -12.73
CA LEU C 97 -20.11 -0.33 -12.29
C LEU C 97 -20.18 -1.50 -11.29
N THR C 98 -19.27 -2.45 -11.44
CA THR C 98 -19.23 -3.64 -10.59
C THR C 98 -18.38 -3.43 -9.33
N ALA C 99 -17.64 -2.32 -9.29
CA ALA C 99 -16.67 -2.08 -8.23
C ALA C 99 -17.34 -1.32 -7.09
N PRO C 100 -16.94 -1.61 -5.84
CA PRO C 100 -17.55 -1.04 -4.64
C PRO C 100 -17.47 0.49 -4.56
N THR C 101 -18.63 1.11 -4.32
CA THR C 101 -18.81 2.54 -4.00
C THR C 101 -18.52 3.55 -5.11
N THR C 102 -18.26 3.09 -6.33
CA THR C 102 -17.82 4.00 -7.39
C THR C 102 -18.93 4.88 -7.92
N ALA C 103 -18.55 6.06 -8.39
CA ALA C 103 -19.36 6.86 -9.32
C ALA C 103 -18.45 7.27 -10.49
N VAL C 104 -19.00 7.35 -11.70
CA VAL C 104 -18.23 7.88 -12.82
C VAL C 104 -18.70 9.24 -13.29
N PHE C 105 -17.74 10.13 -13.52
CA PHE C 105 -17.99 11.46 -14.04
C PHE C 105 -17.16 11.68 -15.31
N ASN C 106 -17.50 12.73 -16.05
CA ASN C 106 -16.85 13.07 -17.30
C ASN C 106 -15.58 13.85 -17.02
N GLY C 107 -14.44 13.32 -17.50
CA GLY C 107 -13.18 14.01 -17.30
C GLY C 107 -12.88 15.09 -18.34
N LEU C 108 -13.54 14.96 -19.49
CA LEU C 108 -13.42 15.96 -20.56
C LEU C 108 -14.80 16.53 -20.90
N PRO C 109 -15.34 17.37 -20.01
CA PRO C 109 -16.74 17.82 -20.14
C PRO C 109 -16.91 18.84 -21.26
N GLU C 110 -15.83 19.57 -21.55
CA GLU C 110 -15.87 20.62 -22.57
C GLU C 110 -15.36 20.14 -23.92
N ALA C 111 -15.35 18.83 -24.12
CA ALA C 111 -14.86 18.23 -25.38
C ALA C 111 -15.96 18.17 -26.44
N GLU C 112 -15.55 18.18 -27.70
CA GLU C 112 -16.48 18.09 -28.83
C GLU C 112 -17.02 16.67 -29.02
N LYS C 113 -16.14 15.67 -28.97
CA LYS C 113 -16.55 14.27 -28.99
C LYS C 113 -17.03 13.83 -27.60
N GLN C 114 -18.22 13.25 -27.54
CA GLN C 114 -18.84 12.84 -26.28
C GLN C 114 -19.52 11.50 -26.45
N ASP C 115 -18.92 10.46 -25.87
CA ASP C 115 -19.50 9.12 -25.89
C ASP C 115 -20.48 9.01 -24.70
N ASN C 116 -21.74 8.73 -24.98
CA ASN C 116 -22.78 8.73 -23.95
C ASN C 116 -22.83 7.40 -23.15
N VAL C 117 -21.74 7.11 -22.46
CA VAL C 117 -21.61 5.86 -21.74
C VAL C 117 -22.56 5.81 -20.55
N GLY C 118 -22.79 6.96 -19.92
CA GLY C 118 -23.71 7.03 -18.79
C GLY C 118 -25.10 6.61 -19.16
N PHE C 119 -25.57 7.09 -20.30
CA PHE C 119 -26.89 6.74 -20.83
C PHE C 119 -26.96 5.24 -21.10
N LYS C 120 -25.95 4.71 -21.76
CA LYS C 120 -25.93 3.32 -22.18
C LYS C 120 -25.90 2.36 -20.96
N LEU C 121 -25.20 2.76 -19.92
CA LEU C 121 -25.06 1.95 -18.70
C LEU C 121 -26.34 1.91 -17.87
N LYS C 122 -27.17 2.96 -17.96
CA LYS C 122 -28.38 3.05 -17.18
C LYS C 122 -29.34 1.89 -17.43
N PHE C 123 -29.25 1.28 -18.62
CA PHE C 123 -30.12 0.17 -19.01
C PHE C 123 -29.88 -1.12 -18.23
N PHE C 124 -28.78 -1.19 -17.48
CA PHE C 124 -28.52 -2.33 -16.61
C PHE C 124 -29.59 -2.41 -15.52
N ALA C 125 -30.13 -1.25 -15.15
CA ALA C 125 -31.14 -1.15 -14.09
C ALA C 125 -32.51 -1.70 -14.50
N ASP C 126 -32.74 -1.81 -15.81
CA ASP C 126 -33.89 -2.56 -16.33
C ASP C 126 -35.23 -1.97 -15.87
N GLY C 127 -35.36 -0.65 -16.00
CA GLY C 127 -36.60 0.01 -15.62
C GLY C 127 -36.49 0.82 -14.34
N MET C 128 -35.55 0.44 -13.47
CA MET C 128 -35.44 1.05 -12.14
C MET C 128 -34.47 2.24 -12.11
N GLU C 129 -33.95 2.62 -13.26
CA GLU C 129 -33.01 3.75 -13.37
C GLU C 129 -33.70 5.10 -13.22
N SER C 130 -32.91 6.13 -12.92
CA SER C 130 -33.40 7.48 -12.67
C SER C 130 -32.40 8.48 -13.20
N GLU C 131 -32.73 9.75 -13.03
CA GLU C 131 -31.87 10.85 -13.44
C GLU C 131 -31.71 11.84 -12.29
N THR C 132 -30.53 12.45 -12.18
CA THR C 132 -30.26 13.48 -11.17
C THR C 132 -29.32 14.51 -11.75
N GLN C 133 -28.96 15.49 -10.93
CA GLN C 133 -27.90 16.42 -11.23
C GLN C 133 -26.94 16.44 -10.06
N ILE C 134 -25.68 16.13 -10.32
CA ILE C 134 -24.62 16.37 -9.36
C ILE C 134 -23.74 17.51 -9.86
N ALA C 135 -23.75 18.62 -9.12
CA ALA C 135 -22.90 19.76 -9.44
C ALA C 135 -23.13 20.24 -10.89
N GLY C 136 -24.39 20.52 -11.20
CA GLY C 136 -24.76 21.01 -12.54
C GLY C 136 -24.57 19.98 -13.65
N ARG C 137 -24.21 18.76 -13.27
CA ARG C 137 -23.95 17.67 -14.23
C ARG C 137 -25.11 16.67 -14.22
N LYS C 138 -25.41 16.12 -15.38
CA LYS C 138 -26.53 15.19 -15.57
C LYS C 138 -26.07 13.75 -15.35
N VAL C 139 -26.71 13.10 -14.38
CA VAL C 139 -26.24 11.81 -13.88
C VAL C 139 -27.40 10.82 -13.81
N TYR C 140 -27.15 9.60 -14.29
CA TYR C 140 -28.11 8.51 -14.14
C TYR C 140 -27.83 7.69 -12.90
N LYS C 141 -28.89 7.36 -12.16
CA LYS C 141 -28.81 6.46 -11.02
C LYS C 141 -29.19 5.05 -11.45
N VAL C 142 -28.31 4.10 -11.18
CA VAL C 142 -28.54 2.70 -11.50
C VAL C 142 -28.57 1.89 -10.21
N PRO C 143 -29.76 1.49 -9.74
CA PRO C 143 -29.87 0.65 -8.55
C PRO C 143 -29.16 -0.70 -8.73
N ILE C 144 -28.27 -1.01 -7.78
CA ILE C 144 -27.54 -2.28 -7.78
C ILE C 144 -27.48 -2.79 -6.34
N MET C 145 -26.87 -3.95 -6.12
CA MET C 145 -26.91 -4.59 -4.81
C MET C 145 -26.34 -3.72 -3.69
N GLU C 146 -25.39 -2.84 -4.03
CA GLU C 146 -24.67 -2.05 -3.03
C GLU C 146 -25.40 -0.76 -2.66
N GLY C 147 -26.30 -0.34 -3.54
CA GLY C 147 -26.89 0.98 -3.45
C GLY C 147 -27.15 1.51 -4.85
N ASP C 148 -26.94 2.79 -5.06
CA ASP C 148 -27.11 3.42 -6.37
C ASP C 148 -25.76 3.65 -7.02
N PHE C 149 -25.56 3.07 -8.19
CA PHE C 149 -24.42 3.43 -9.02
C PHE C 149 -24.74 4.70 -9.82
N LEU C 150 -23.90 5.72 -9.67
CA LEU C 150 -24.07 6.98 -10.38
C LEU C 150 -23.11 7.09 -11.57
N ALA C 151 -23.65 7.43 -12.72
CA ALA C 151 -22.85 7.57 -13.94
C ALA C 151 -23.33 8.80 -14.72
N GLU C 152 -22.44 9.79 -14.83
CA GLU C 152 -22.72 10.96 -15.64
C GLU C 152 -23.01 10.54 -17.06
N GLU C 153 -23.83 11.33 -17.75
CA GLU C 153 -24.37 10.95 -19.05
C GLU C 153 -23.28 10.62 -20.09
N ASN C 154 -22.31 11.52 -20.23
CA ASN C 154 -21.31 11.43 -21.28
C ASN C 154 -19.89 11.29 -20.75
N ILE C 155 -19.00 10.87 -21.64
CA ILE C 155 -17.57 10.83 -21.38
C ILE C 155 -16.84 11.45 -22.57
N GLY C 156 -16.11 12.54 -22.30
CA GLY C 156 -15.49 13.30 -23.35
C GLY C 156 -14.20 12.69 -23.83
N ALA C 157 -14.01 12.70 -25.15
CA ALA C 157 -12.79 12.20 -25.78
C ALA C 157 -12.17 13.27 -26.68
N ILE C 158 -10.84 13.23 -26.80
CA ILE C 158 -10.14 14.11 -27.72
C ILE C 158 -9.07 13.37 -28.52
N ALA C 159 -8.53 14.03 -29.54
CA ALA C 159 -7.32 13.54 -30.21
C ALA C 159 -6.11 13.96 -29.37
N GLY C 160 -5.53 12.99 -28.68
CA GLY C 160 -4.36 13.26 -27.85
C GLY C 160 -3.12 12.62 -28.45
N ILE C 161 -2.10 12.45 -27.61
CA ILE C 161 -0.79 11.96 -28.05
C ILE C 161 -0.36 10.71 -27.27
N ALA C 162 0.15 9.71 -27.98
CA ALA C 162 0.69 8.50 -27.37
C ALA C 162 2.18 8.28 -27.70
N GLY C 163 2.99 8.08 -26.66
CA GLY C 163 4.34 7.62 -26.90
C GLY C 163 5.46 8.63 -26.69
N GLY C 164 5.18 9.68 -25.92
CA GLY C 164 6.27 10.45 -25.33
C GLY C 164 7.02 9.51 -24.40
N ASN C 165 8.33 9.69 -24.28
CA ASN C 165 9.15 8.72 -23.56
C ASN C 165 10.56 9.23 -23.27
N PHE C 166 11.19 8.62 -22.28
CA PHE C 166 12.63 8.73 -22.12
C PHE C 166 13.18 7.41 -21.56
N PHE C 167 14.44 7.14 -21.87
CA PHE C 167 15.14 5.94 -21.40
C PHE C 167 16.07 6.30 -20.25
N ILE C 168 16.16 5.42 -19.26
CA ILE C 168 17.06 5.60 -18.14
C ILE C 168 18.12 4.50 -18.17
N PHE C 169 19.38 4.90 -18.33
CA PHE C 169 20.53 4.00 -18.32
C PHE C 169 21.13 3.98 -16.93
N GLY C 170 21.22 2.80 -16.32
CA GLY C 170 21.72 2.69 -14.95
C GLY C 170 22.89 1.73 -14.83
N ASP C 171 23.66 1.88 -13.75
CA ASP C 171 24.79 0.98 -13.52
C ASP C 171 24.36 -0.41 -13.08
N SER C 172 23.13 -0.55 -12.60
CA SER C 172 22.56 -1.83 -12.22
C SER C 172 21.07 -1.82 -12.52
N GLN C 173 20.43 -2.98 -12.48
CA GLN C 173 18.99 -3.07 -12.73
C GLN C 173 18.17 -2.28 -11.72
N MET C 174 18.55 -2.35 -10.45
CA MET C 174 17.78 -1.69 -9.39
C MET C 174 18.04 -0.19 -9.33
N THR C 175 19.20 0.25 -9.81
CA THR C 175 19.46 1.68 -9.98
C THR C 175 18.50 2.25 -11.03
N ALA C 176 18.44 1.60 -12.20
CA ALA C 176 17.62 2.08 -13.29
C ALA C 176 16.14 1.98 -12.95
N LEU C 177 15.74 0.91 -12.26
CA LEU C 177 14.34 0.73 -11.87
C LEU C 177 13.89 1.75 -10.84
N THR C 178 14.71 2.01 -9.83
CA THR C 178 14.39 2.99 -8.81
C THR C 178 14.24 4.37 -9.43
N ALA C 179 15.10 4.69 -10.38
CA ALA C 179 15.01 5.94 -11.12
C ALA C 179 13.67 6.02 -11.86
N ALA C 180 13.28 4.90 -12.51
CA ALA C 180 12.01 4.79 -13.23
C ALA C 180 10.81 4.94 -12.28
N GLU C 181 10.88 4.26 -11.14
CA GLU C 181 9.84 4.32 -10.11
C GLU C 181 9.62 5.75 -9.62
N ALA C 182 10.71 6.47 -9.37
CA ALA C 182 10.66 7.85 -8.90
C ALA C 182 10.02 8.73 -9.98
N ALA C 183 10.30 8.41 -11.23
CA ALA C 183 9.78 9.17 -12.35
C ALA C 183 8.27 8.93 -12.54
N VAL C 184 7.86 7.68 -12.42
CA VAL C 184 6.44 7.32 -12.52
C VAL C 184 5.61 7.96 -11.41
N ASP C 185 6.14 7.98 -10.19
CA ASP C 185 5.48 8.61 -9.05
C ASP C 185 5.33 10.11 -9.25
N THR C 186 6.37 10.73 -9.83
CA THR C 186 6.35 12.17 -10.10
C THR C 186 5.31 12.50 -11.18
N ILE C 187 5.29 11.67 -12.22
CA ILE C 187 4.37 11.85 -13.33
C ILE C 187 2.92 11.57 -12.92
N ALA C 188 2.74 10.70 -11.92
CA ALA C 188 1.40 10.38 -11.41
C ALA C 188 0.81 11.54 -10.60
N GLU C 189 1.65 12.53 -10.27
CA GLU C 189 1.22 13.76 -9.62
C GLU C 189 0.69 14.78 -10.64
N LEU C 190 0.95 14.54 -11.92
CA LEU C 190 0.78 15.57 -12.93
C LEU C 190 -0.50 15.40 -13.75
N GLU C 191 -1.16 16.53 -14.01
CA GLU C 191 -2.36 16.54 -14.83
C GLU C 191 -2.05 16.33 -16.31
N GLY C 192 -2.91 15.57 -16.98
CA GLY C 192 -2.87 15.46 -18.43
C GLY C 192 -2.22 14.22 -19.01
N THR C 193 -1.48 13.47 -18.19
CA THR C 193 -0.64 12.38 -18.68
C THR C 193 -0.90 11.06 -17.94
N ILE C 194 -0.76 9.95 -18.66
CA ILE C 194 -0.67 8.63 -18.02
C ILE C 194 0.62 7.93 -18.42
N THR C 195 0.94 6.85 -17.72
CA THR C 195 2.08 6.01 -18.06
C THR C 195 1.61 4.56 -18.09
N PRO C 196 1.21 4.06 -19.28
CA PRO C 196 0.38 2.87 -19.45
C PRO C 196 1.01 1.50 -19.16
N PHE C 197 2.34 1.44 -19.14
CA PHE C 197 3.03 0.16 -18.90
C PHE C 197 2.96 -0.28 -17.44
N PRO C 198 3.32 -1.55 -17.15
CA PRO C 198 3.08 -2.06 -15.79
C PRO C 198 3.90 -1.29 -14.74
N GLY C 199 3.20 -0.69 -13.79
CA GLY C 199 3.85 0.19 -12.83
C GLY C 199 4.33 1.47 -13.49
N GLY C 200 3.82 1.72 -14.70
CA GLY C 200 4.23 2.87 -15.48
C GLY C 200 5.53 2.67 -16.27
N ILE C 201 6.09 1.46 -16.19
CA ILE C 201 7.48 1.23 -16.60
C ILE C 201 7.63 0.13 -17.65
N VAL C 202 8.41 0.44 -18.69
CA VAL C 202 8.70 -0.50 -19.77
C VAL C 202 9.99 -1.23 -19.47
N ALA C 203 9.92 -2.54 -19.23
CA ALA C 203 11.12 -3.35 -19.02
C ALA C 203 11.63 -3.97 -20.31
N SER C 204 10.77 -4.03 -21.31
CA SER C 204 11.05 -4.75 -22.56
C SER C 204 11.75 -3.89 -23.61
N GLY C 205 11.05 -2.86 -24.07
CA GLY C 205 11.50 -2.08 -25.22
C GLY C 205 11.24 -2.83 -26.51
N SER C 206 11.14 -2.10 -27.61
CA SER C 206 10.89 -2.76 -28.89
C SER C 206 11.51 -2.01 -30.06
N LYS C 207 11.71 -2.74 -31.15
CA LYS C 207 11.94 -2.12 -32.45
C LYS C 207 10.83 -2.56 -33.41
N SER C 208 10.64 -1.75 -34.45
CA SER C 208 9.65 -2.06 -35.49
C SER C 208 10.14 -3.19 -36.36
N GLY C 209 9.34 -4.25 -36.45
CA GLY C 209 9.70 -5.39 -37.27
C GLY C 209 10.76 -6.28 -36.63
N ALA C 210 11.67 -6.80 -37.44
CA ALA C 210 12.62 -7.82 -37.01
C ALA C 210 13.81 -7.99 -37.94
N ASN C 211 14.85 -8.65 -37.45
CA ASN C 211 16.00 -9.03 -38.26
C ASN C 211 15.82 -10.45 -38.77
N LYS C 212 15.17 -11.27 -37.95
CA LYS C 212 15.03 -12.70 -38.23
C LYS C 212 13.57 -13.08 -38.45
N TYR C 213 12.75 -12.90 -37.43
CA TYR C 213 11.33 -13.29 -37.47
C TYR C 213 10.50 -12.14 -38.05
N LYS C 214 10.55 -12.00 -39.38
CA LYS C 214 10.00 -10.83 -40.05
C LYS C 214 8.46 -10.80 -40.02
N PHE C 215 7.87 -11.89 -39.51
CA PHE C 215 6.41 -12.01 -39.40
C PHE C 215 5.84 -11.38 -38.13
N LEU C 216 6.73 -10.84 -37.29
CA LEU C 216 6.35 -10.21 -36.04
C LEU C 216 6.18 -8.70 -36.20
N LYS C 217 5.17 -8.16 -35.50
CA LYS C 217 4.87 -6.73 -35.49
C LYS C 217 5.95 -5.89 -34.77
N ALA C 218 6.46 -6.43 -33.66
CA ALA C 218 7.56 -5.80 -32.92
C ALA C 218 8.42 -6.86 -32.22
N THR C 219 9.71 -6.57 -32.11
CA THR C 219 10.62 -7.42 -31.35
C THR C 219 11.51 -6.55 -30.44
N ALA C 220 12.23 -7.22 -29.53
CA ALA C 220 13.18 -6.55 -28.67
C ALA C 220 14.23 -5.81 -29.51
N ASN C 221 14.51 -4.57 -29.13
CA ASN C 221 15.61 -3.83 -29.75
C ASN C 221 16.92 -4.31 -29.15
N GLU C 222 17.61 -5.18 -29.87
CA GLU C 222 18.86 -5.80 -29.41
C GLU C 222 19.94 -4.78 -29.06
N ARG C 223 19.79 -3.56 -29.58
CA ARG C 223 20.72 -2.47 -29.35
C ARG C 223 20.68 -1.93 -27.92
N PHE C 224 19.52 -2.09 -27.26
CA PHE C 224 19.33 -1.58 -25.92
C PHE C 224 19.19 -2.70 -24.90
N CYS C 225 19.66 -3.88 -25.30
CA CYS C 225 19.65 -5.07 -24.44
C CYS C 225 21.02 -5.31 -23.79
N PRO C 226 21.16 -4.92 -22.51
CA PRO C 226 22.47 -4.93 -21.85
C PRO C 226 23.11 -6.31 -21.78
N SER C 227 22.30 -7.35 -21.60
CA SER C 227 22.84 -8.69 -21.37
C SER C 227 23.49 -9.31 -22.60
N ILE C 228 23.32 -8.67 -23.76
CA ILE C 228 23.91 -9.16 -24.99
C ILE C 228 24.71 -8.06 -25.72
N LYS C 229 25.13 -7.04 -24.97
CA LYS C 229 25.79 -5.88 -25.58
C LYS C 229 27.15 -6.20 -26.17
N ASP C 230 27.75 -7.29 -25.73
CA ASP C 230 29.06 -7.71 -26.22
C ASP C 230 28.97 -8.56 -27.46
N LYS C 231 27.78 -9.06 -27.78
CA LYS C 231 27.57 -9.80 -29.02
C LYS C 231 26.72 -9.04 -30.02
N ILE C 232 26.73 -7.72 -29.92
CA ILE C 232 25.96 -6.86 -30.80
C ILE C 232 26.84 -5.68 -31.20
N GLU C 233 27.29 -5.62 -32.47
CA GLU C 233 28.29 -4.64 -32.86
C GLU C 233 27.80 -3.20 -32.71
N ASN C 234 26.52 -2.99 -33.00
CA ASN C 234 25.95 -1.65 -32.90
C ASN C 234 25.22 -1.36 -31.58
N THR C 235 25.74 -1.91 -30.48
CA THR C 235 25.09 -1.73 -29.18
C THR C 235 25.08 -0.26 -28.75
N GLU C 236 23.97 0.13 -28.14
CA GLU C 236 23.82 1.47 -27.58
C GLU C 236 24.09 1.44 -26.07
N ILE C 237 24.42 0.27 -25.53
CA ILE C 237 24.65 0.14 -24.09
C ILE C 237 26.14 0.32 -23.79
N PRO C 238 26.49 1.38 -23.04
CA PRO C 238 27.88 1.59 -22.59
C PRO C 238 28.36 0.43 -21.72
N ALA C 239 29.67 0.31 -21.55
CA ALA C 239 30.23 -0.77 -20.74
C ALA C 239 29.84 -0.65 -19.27
N ASP C 240 29.61 0.58 -18.81
CA ASP C 240 29.28 0.82 -17.41
C ASP C 240 27.77 0.81 -17.11
N VAL C 241 26.98 0.42 -18.11
CA VAL C 241 25.54 0.30 -17.94
C VAL C 241 25.09 -1.16 -17.99
N ASN C 242 24.28 -1.57 -17.01
CA ASN C 242 23.79 -2.94 -16.94
C ASN C 242 22.28 -3.07 -17.06
N ALA C 243 21.58 -1.95 -17.14
CA ALA C 243 20.13 -1.98 -17.30
C ALA C 243 19.56 -0.67 -17.85
N VAL C 244 18.51 -0.80 -18.65
CA VAL C 244 17.75 0.34 -19.15
C VAL C 244 16.27 0.11 -18.83
N TYR C 245 15.59 1.18 -18.43
CA TYR C 245 14.13 1.18 -18.35
C TYR C 245 13.59 2.34 -19.14
N GLU C 246 12.44 2.14 -19.78
CA GLU C 246 11.78 3.20 -20.51
C GLU C 246 10.48 3.57 -19.82
N ILE C 247 10.16 4.86 -19.86
CA ILE C 247 8.87 5.33 -19.40
C ILE C 247 8.09 5.91 -20.58
N VAL C 248 6.98 5.24 -20.91
CA VAL C 248 6.05 5.74 -21.93
C VAL C 248 4.95 6.63 -21.32
N ILE C 249 4.70 7.76 -22.00
CA ILE C 249 3.77 8.77 -21.53
C ILE C 249 2.76 9.04 -22.65
N ASN C 250 1.49 8.85 -22.35
CA ASN C 250 0.39 9.31 -23.19
C ASN C 250 -0.18 10.54 -22.52
N GLY C 251 -0.77 11.43 -23.31
CA GLY C 251 -1.23 12.68 -22.74
C GLY C 251 -2.19 13.45 -23.61
N LEU C 252 -2.78 14.48 -23.03
CA LEU C 252 -3.88 15.21 -23.66
C LEU C 252 -3.35 16.20 -24.69
N ASP C 253 -2.22 16.83 -24.38
CA ASP C 253 -1.59 17.81 -25.25
C ASP C 253 -0.07 17.76 -25.12
N GLU C 254 0.62 18.56 -25.93
CA GLU C 254 2.07 18.61 -25.91
C GLU C 254 2.62 19.19 -24.61
N GLU C 255 1.95 20.20 -24.07
CA GLU C 255 2.39 20.85 -22.85
C GLU C 255 2.52 19.85 -21.70
N SER C 256 1.56 18.94 -21.60
CA SER C 256 1.51 18.00 -20.48
C SER C 256 2.46 16.83 -20.66
N ILE C 257 2.68 16.40 -21.90
CA ILE C 257 3.70 15.40 -22.19
C ILE C 257 5.11 15.93 -21.94
N LYS C 258 5.36 17.19 -22.29
CA LYS C 258 6.66 17.83 -22.05
C LYS C 258 6.91 17.98 -20.55
N ALA C 259 5.88 18.38 -19.82
CA ALA C 259 5.97 18.55 -18.38
C ALA C 259 6.28 17.22 -17.65
N ALA C 260 5.68 16.15 -18.15
CA ALA C 260 5.84 14.81 -17.59
C ALA C 260 7.26 14.31 -17.84
N MET C 261 7.71 14.46 -19.09
CA MET C 261 9.07 14.10 -19.47
C MET C 261 10.11 14.91 -18.70
N LYS C 262 9.91 16.22 -18.59
CA LYS C 262 10.84 17.05 -17.85
C LYS C 262 10.86 16.63 -16.39
N ALA C 263 9.69 16.47 -15.79
CA ALA C 263 9.58 16.15 -14.36
C ALA C 263 10.11 14.75 -14.06
N GLY C 264 9.76 13.79 -14.91
CA GLY C 264 10.20 12.42 -14.76
C GLY C 264 11.71 12.28 -14.90
N ILE C 265 12.30 13.02 -15.84
CA ILE C 265 13.75 13.03 -16.02
C ILE C 265 14.46 13.65 -14.82
N LYS C 266 13.97 14.78 -14.33
CA LYS C 266 14.58 15.45 -13.19
C LYS C 266 14.51 14.59 -11.92
N ALA C 267 13.51 13.72 -11.82
CA ALA C 267 13.39 12.79 -10.69
C ALA C 267 14.30 11.57 -10.86
N ALA C 268 14.37 11.04 -12.08
CA ALA C 268 15.19 9.87 -12.37
C ALA C 268 16.67 10.09 -12.08
N VAL C 269 17.17 11.27 -12.40
CA VAL C 269 18.60 11.58 -12.28
C VAL C 269 19.05 11.86 -10.84
N THR C 270 18.12 11.82 -9.89
CA THR C 270 18.47 11.97 -8.47
C THR C 270 18.93 10.66 -7.84
N VAL C 271 18.75 9.55 -8.56
CA VAL C 271 19.17 8.25 -8.08
C VAL C 271 20.64 8.02 -8.44
N PRO C 272 21.49 7.79 -7.43
CA PRO C 272 22.91 7.53 -7.66
C PRO C 272 23.14 6.27 -8.48
N GLY C 273 23.93 6.40 -9.55
CA GLY C 273 24.18 5.27 -10.43
C GLY C 273 23.60 5.45 -11.82
N VAL C 274 22.75 6.46 -12.01
CA VAL C 274 22.18 6.72 -13.32
C VAL C 274 23.24 7.35 -14.22
N LYS C 275 23.40 6.78 -15.42
CA LYS C 275 24.53 7.09 -16.30
C LYS C 275 24.14 7.97 -17.47
N LYS C 276 22.90 7.81 -17.93
CA LYS C 276 22.45 8.48 -19.14
C LYS C 276 20.93 8.52 -19.19
N ILE C 277 20.41 9.63 -19.71
CA ILE C 277 19.01 9.74 -20.11
C ILE C 277 18.98 9.85 -21.63
N SER C 278 18.02 9.17 -22.24
CA SER C 278 17.81 9.25 -23.68
C SER C 278 16.31 9.18 -23.99
N ALA C 279 15.97 8.96 -25.25
CA ALA C 279 14.58 8.77 -25.67
C ALA C 279 14.55 7.98 -26.95
N GLY C 280 13.43 7.34 -27.24
CA GLY C 280 13.32 6.49 -28.41
C GLY C 280 12.45 7.10 -29.48
N ASN C 281 12.99 7.20 -30.71
CA ASN C 281 12.21 7.65 -31.86
C ASN C 281 12.34 6.66 -33.02
N TYR C 282 11.71 7.00 -34.14
CA TYR C 282 11.67 6.10 -35.30
C TYR C 282 12.28 6.73 -36.55
N GLY C 283 13.06 7.80 -36.35
CA GLY C 283 13.77 8.42 -37.45
C GLY C 283 13.06 9.61 -38.06
N GLY C 284 12.04 10.12 -37.36
CA GLY C 284 11.33 11.30 -37.80
C GLY C 284 10.23 11.01 -38.81
N LYS C 285 10.19 9.76 -39.30
CA LYS C 285 9.33 9.38 -40.41
C LYS C 285 8.27 8.32 -40.03
N LEU C 286 7.72 8.43 -38.82
CA LEU C 286 6.59 7.60 -38.40
C LEU C 286 5.75 8.32 -37.35
N GLY C 287 6.31 9.38 -36.77
CA GLY C 287 5.64 10.07 -35.69
C GLY C 287 5.34 11.53 -35.98
N LYS C 288 4.15 11.96 -35.56
CA LYS C 288 3.68 13.31 -35.79
C LYS C 288 4.27 14.32 -34.81
N TYR C 289 4.59 13.85 -33.59
CA TYR C 289 5.08 14.74 -32.55
C TYR C 289 6.50 14.36 -32.15
N GLN C 290 7.37 15.37 -32.03
CA GLN C 290 8.75 15.13 -31.65
C GLN C 290 9.13 16.02 -30.47
N PHE C 291 9.42 15.38 -29.34
CA PHE C 291 9.77 16.09 -28.12
C PHE C 291 11.26 15.94 -27.86
N LYS C 292 12.01 17.00 -28.11
CA LYS C 292 13.45 16.97 -27.95
C LYS C 292 13.85 17.22 -26.49
N LEU C 293 14.69 16.34 -25.94
CA LEU C 293 15.04 16.37 -24.51
C LEU C 293 15.64 17.70 -24.08
N HIS C 294 16.54 18.25 -24.89
CA HIS C 294 17.25 19.48 -24.51
C HIS C 294 16.34 20.70 -24.41
N GLU C 295 15.24 20.69 -25.16
CA GLU C 295 14.24 21.75 -25.11
C GLU C 295 13.47 21.79 -23.79
N LEU C 296 13.31 20.63 -23.15
CA LEU C 296 12.61 20.53 -21.87
C LEU C 296 13.20 21.44 -20.81
N PHE C 297 14.52 21.59 -20.82
CA PHE C 297 15.23 22.40 -19.84
C PHE C 297 15.77 23.69 -20.47
N MET D 1 -29.54 -21.61 10.95
CA MET D 1 -28.08 -21.61 11.27
C MET D 1 -27.55 -20.19 11.44
N GLU D 2 -26.71 -19.99 12.43
CA GLU D 2 -26.07 -18.69 12.65
C GLU D 2 -24.59 -18.88 12.94
N ILE D 3 -23.78 -17.95 12.44
CA ILE D 3 -22.37 -17.89 12.82
C ILE D 3 -22.09 -16.50 13.37
N ASN D 4 -21.56 -16.46 14.60
CA ASN D 4 -21.31 -15.20 15.29
C ASN D 4 -22.60 -14.37 15.37
N GLY D 5 -23.74 -15.07 15.41
CA GLY D 5 -25.01 -14.38 15.52
C GLY D 5 -25.64 -14.00 14.19
N VAL D 6 -24.95 -14.28 13.10
CA VAL D 6 -25.42 -13.92 11.76
C VAL D 6 -26.11 -15.10 11.08
N GLU D 7 -27.34 -14.91 10.65
CA GLU D 7 -28.09 -15.97 9.98
C GLU D 7 -27.46 -16.37 8.65
N ILE D 8 -27.22 -17.66 8.48
CA ILE D 8 -26.74 -18.19 7.20
C ILE D 8 -27.92 -18.85 6.51
N GLU D 9 -28.28 -18.32 5.34
CA GLU D 9 -29.41 -18.84 4.56
C GLU D 9 -29.16 -20.26 4.03
N ASP D 10 -30.17 -21.11 4.17
CA ASP D 10 -30.15 -22.46 3.59
C ASP D 10 -30.41 -22.34 2.09
N THR D 11 -29.38 -21.93 1.37
CA THR D 11 -29.43 -21.87 -0.08
C THR D 11 -28.06 -22.26 -0.62
N TYR D 12 -27.85 -22.06 -1.91
CA TYR D 12 -26.63 -22.53 -2.55
C TYR D 12 -26.12 -21.52 -3.57
N ALA D 13 -24.81 -21.54 -3.79
CA ALA D 13 -24.21 -20.82 -4.89
C ALA D 13 -24.23 -21.73 -6.11
N GLU D 14 -24.59 -21.19 -7.26
CA GLU D 14 -24.55 -21.95 -8.50
C GLU D 14 -23.33 -21.60 -9.35
N ALA D 15 -22.50 -22.60 -9.63
CA ALA D 15 -21.25 -22.38 -10.35
C ALA D 15 -21.16 -23.15 -11.66
N PHE D 16 -20.41 -22.59 -12.61
CA PHE D 16 -20.28 -23.12 -13.98
C PHE D 16 -18.88 -23.64 -14.26
N PRO D 17 -18.75 -24.59 -15.21
CA PRO D 17 -17.41 -25.01 -15.63
C PRO D 17 -16.69 -23.94 -16.44
N ILE D 18 -15.37 -23.83 -16.24
CA ILE D 18 -14.56 -22.85 -16.95
C ILE D 18 -13.13 -23.35 -17.06
N LYS D 19 -12.42 -22.92 -18.10
CA LYS D 19 -11.01 -23.27 -18.26
C LYS D 19 -10.16 -22.31 -17.43
N ILE D 20 -9.25 -22.85 -16.64
CA ILE D 20 -8.39 -22.03 -15.79
C ILE D 20 -6.91 -22.36 -16.03
N ALA D 21 -6.13 -21.32 -16.33
CA ALA D 21 -4.68 -21.43 -16.40
C ALA D 21 -4.03 -20.80 -15.17
N ARG D 22 -3.09 -21.53 -14.56
CA ARG D 22 -2.32 -21.06 -13.40
C ARG D 22 -0.92 -20.64 -13.85
N VAL D 23 -0.51 -19.46 -13.40
CA VAL D 23 0.78 -18.84 -13.78
C VAL D 23 1.47 -18.32 -12.51
N LEU D 24 2.75 -18.65 -12.32
CA LEU D 24 3.56 -18.00 -11.30
C LEU D 24 4.39 -16.83 -11.86
N ILE D 25 4.12 -15.63 -11.37
CA ILE D 25 4.92 -14.46 -11.68
C ILE D 25 5.83 -14.17 -10.51
N THR D 26 7.15 -14.30 -10.70
CA THR D 26 8.11 -13.87 -9.68
C THR D 26 8.72 -12.53 -10.09
N ALA D 27 9.30 -11.83 -9.12
CA ALA D 27 9.96 -10.55 -9.37
C ALA D 27 10.97 -10.27 -8.28
N ALA D 28 11.63 -9.10 -8.36
CA ALA D 28 12.73 -8.79 -7.45
C ALA D 28 12.24 -8.59 -6.02
N THR D 29 11.01 -8.08 -5.90
CA THR D 29 10.37 -7.85 -4.60
C THR D 29 8.88 -8.20 -4.72
N LYS D 30 8.22 -8.33 -3.58
CA LYS D 30 6.77 -8.51 -3.52
C LYS D 30 6.01 -7.44 -4.31
N ARG D 31 6.47 -6.20 -4.17
CA ARG D 31 5.80 -5.04 -4.78
C ARG D 31 5.78 -5.12 -6.31
N TRP D 32 6.92 -5.50 -6.89
CA TRP D 32 7.02 -5.63 -8.34
C TRP D 32 6.30 -6.86 -8.87
N ALA D 33 6.29 -7.95 -8.09
CA ALA D 33 5.47 -9.12 -8.43
C ALA D 33 4.00 -8.75 -8.45
N LEU D 34 3.57 -7.98 -7.45
CA LEU D 34 2.18 -7.59 -7.34
C LEU D 34 1.74 -6.60 -8.45
N VAL D 35 2.60 -5.64 -8.79
CA VAL D 35 2.37 -4.75 -9.92
C VAL D 35 2.05 -5.53 -11.20
N ALA D 36 2.92 -6.50 -11.53
CA ALA D 36 2.78 -7.28 -12.76
C ALA D 36 1.56 -8.17 -12.73
N ALA D 37 1.36 -8.85 -11.60
CA ALA D 37 0.21 -9.72 -11.42
C ALA D 37 -1.09 -8.93 -11.56
N THR D 38 -1.10 -7.72 -11.02
CA THR D 38 -2.27 -6.85 -11.08
C THR D 38 -2.60 -6.37 -12.52
N GLU D 39 -1.59 -5.87 -13.23
CA GLU D 39 -1.78 -5.43 -14.61
C GLU D 39 -2.29 -6.57 -15.49
N ALA D 40 -1.69 -7.75 -15.34
CA ALA D 40 -2.02 -8.90 -16.16
C ALA D 40 -3.43 -9.46 -15.90
N THR D 41 -3.95 -9.28 -14.69
CA THR D 41 -5.26 -9.82 -14.35
C THR D 41 -6.37 -8.76 -14.28
N GLY D 42 -6.05 -7.54 -14.72
CA GLY D 42 -7.04 -6.48 -14.81
C GLY D 42 -7.93 -6.59 -16.05
N PHE D 43 -9.00 -5.81 -16.08
CA PHE D 43 -9.99 -5.91 -17.16
C PHE D 43 -10.38 -7.38 -17.36
N ALA D 44 -10.74 -8.03 -16.26
CA ALA D 44 -11.01 -9.46 -16.27
C ALA D 44 -11.93 -9.86 -15.12
N THR D 45 -13.06 -9.17 -14.99
CA THR D 45 -13.99 -9.46 -13.92
C THR D 45 -14.95 -10.60 -14.27
N SER D 46 -15.36 -10.65 -15.54
CA SER D 46 -16.33 -11.63 -16.02
C SER D 46 -16.08 -11.91 -17.50
N VAL D 47 -16.01 -13.19 -17.85
CA VAL D 47 -15.76 -13.59 -19.24
C VAL D 47 -16.88 -13.15 -20.16
N ILE D 48 -18.05 -12.86 -19.58
CA ILE D 48 -19.20 -12.36 -20.33
C ILE D 48 -18.85 -11.17 -21.22
N MET D 49 -18.24 -10.14 -20.66
CA MET D 49 -17.90 -8.96 -21.44
C MET D 49 -16.42 -8.58 -21.40
N CYS D 50 -15.68 -9.21 -20.50
CA CYS D 50 -14.23 -9.03 -20.43
C CYS D 50 -13.52 -10.11 -21.22
N PRO D 51 -12.33 -9.80 -21.77
CA PRO D 51 -11.58 -10.80 -22.54
C PRO D 51 -11.28 -12.05 -21.70
N ALA D 52 -11.37 -11.94 -20.38
CA ALA D 52 -11.14 -13.07 -19.49
C ALA D 52 -11.67 -12.80 -18.10
N GLU D 53 -11.66 -13.86 -17.28
CA GLU D 53 -11.82 -13.75 -15.83
C GLU D 53 -10.49 -14.12 -15.22
N ALA D 54 -9.92 -13.21 -14.43
CA ALA D 54 -8.59 -13.42 -13.88
C ALA D 54 -8.45 -12.76 -12.52
N GLY D 55 -7.48 -13.24 -11.74
CA GLY D 55 -7.23 -12.62 -10.47
C GLY D 55 -6.01 -13.21 -9.78
N ILE D 56 -5.67 -12.63 -8.64
CA ILE D 56 -4.56 -13.08 -7.82
C ILE D 56 -5.06 -14.20 -6.89
N GLU D 57 -4.41 -15.34 -6.99
CA GLU D 57 -4.79 -16.52 -6.22
C GLU D 57 -4.20 -16.43 -4.83
N ARG D 58 -2.92 -16.09 -4.77
CA ARG D 58 -2.20 -15.90 -3.50
C ARG D 58 -0.73 -15.59 -3.77
N LEU D 59 -0.12 -14.92 -2.81
CA LEU D 59 1.30 -14.59 -2.85
C LEU D 59 2.14 -15.85 -2.67
N ALA D 60 3.27 -15.90 -3.37
CA ALA D 60 4.22 -17.00 -3.26
C ALA D 60 5.46 -16.57 -2.46
N SER D 61 5.82 -17.37 -1.46
CA SER D 61 7.05 -17.15 -0.70
C SER D 61 8.29 -17.40 -1.57
N PRO D 62 9.38 -16.65 -1.32
CA PRO D 62 10.70 -16.95 -1.88
C PRO D 62 11.14 -18.39 -1.63
N SER D 63 10.59 -19.01 -0.58
CA SER D 63 10.97 -20.38 -0.23
C SER D 63 10.26 -21.45 -1.06
N GLU D 64 9.31 -21.05 -1.90
CA GLU D 64 8.57 -22.04 -2.67
C GLU D 64 8.65 -21.84 -4.18
N THR D 65 9.29 -20.76 -4.60
CA THR D 65 9.36 -20.44 -6.03
C THR D 65 10.60 -21.06 -6.68
N PRO D 66 10.54 -21.35 -7.99
CA PRO D 66 11.68 -22.01 -8.64
C PRO D 66 12.97 -21.19 -8.56
N ASP D 67 12.87 -19.86 -8.49
CA ASP D 67 14.05 -19.00 -8.50
C ASP D 67 14.39 -18.36 -7.14
N GLY D 68 13.67 -18.76 -6.11
CA GLY D 68 13.96 -18.25 -4.78
C GLY D 68 13.47 -16.83 -4.56
N ARG D 69 12.54 -16.39 -5.38
CA ARG D 69 12.18 -14.95 -5.37
C ARG D 69 10.72 -14.79 -4.98
N PRO D 70 10.36 -13.64 -4.40
CA PRO D 70 8.93 -13.46 -4.11
C PRO D 70 8.09 -13.54 -5.38
N GLY D 71 6.90 -14.14 -5.28
CA GLY D 71 6.03 -14.25 -6.44
C GLY D 71 4.54 -14.12 -6.14
N VAL D 72 3.72 -14.21 -7.18
CA VAL D 72 2.26 -14.14 -7.06
C VAL D 72 1.69 -15.19 -8.02
N TYR D 73 0.82 -16.06 -7.50
CA TYR D 73 0.08 -16.98 -8.36
C TYR D 73 -1.20 -16.30 -8.86
N VAL D 74 -1.40 -16.33 -10.17
CA VAL D 74 -2.60 -15.78 -10.78
C VAL D 74 -3.32 -16.86 -11.60
N GLN D 75 -4.64 -16.75 -11.67
CA GLN D 75 -5.43 -17.61 -12.54
C GLN D 75 -6.06 -16.75 -13.60
N ILE D 76 -6.05 -17.24 -14.84
CA ILE D 76 -6.67 -16.57 -15.97
C ILE D 76 -7.63 -17.57 -16.59
N CYS D 77 -8.88 -17.16 -16.79
CA CYS D 77 -9.95 -18.10 -17.11
C CYS D 77 -10.77 -17.69 -18.33
N THR D 78 -11.00 -18.64 -19.24
CA THR D 78 -11.97 -18.48 -20.32
C THR D 78 -12.78 -19.77 -20.44
N PHE D 79 -13.82 -19.74 -21.27
CA PHE D 79 -14.69 -20.92 -21.43
C PHE D 79 -14.07 -22.00 -22.31
N LYS D 80 -13.44 -21.60 -23.42
CA LYS D 80 -12.76 -22.53 -24.32
C LYS D 80 -11.23 -22.39 -24.17
N TYR D 81 -10.51 -23.51 -24.28
CA TYR D 81 -9.05 -23.49 -24.29
C TYR D 81 -8.49 -22.65 -25.44
N GLU D 82 -9.26 -22.52 -26.51
CA GLU D 82 -8.88 -21.68 -27.67
C GLU D 82 -8.69 -20.21 -27.27
N ALA D 83 -9.67 -19.65 -26.58
CA ALA D 83 -9.61 -18.27 -26.10
C ALA D 83 -8.54 -18.07 -25.02
N LEU D 84 -8.27 -19.13 -24.25
CA LEU D 84 -7.35 -19.07 -23.12
C LEU D 84 -5.90 -18.85 -23.57
N GLU D 85 -5.45 -19.63 -24.55
CA GLU D 85 -4.08 -19.47 -25.05
C GLU D 85 -3.83 -18.07 -25.56
N GLU D 86 -4.83 -17.50 -26.25
CA GLU D 86 -4.76 -16.13 -26.74
C GLU D 86 -4.61 -15.16 -25.56
N GLN D 87 -5.36 -15.39 -24.50
CA GLN D 87 -5.34 -14.51 -23.33
C GLN D 87 -4.04 -14.65 -22.54
N LEU D 88 -3.50 -15.87 -22.46
CA LEU D 88 -2.20 -16.08 -21.82
C LEU D 88 -1.10 -15.35 -22.57
N LEU D 89 -1.03 -15.57 -23.89
CA LEU D 89 -0.04 -14.89 -24.72
C LEU D 89 -0.14 -13.36 -24.62
N GLU D 90 -1.37 -12.85 -24.62
CA GLU D 90 -1.61 -11.41 -24.67
C GLU D 90 -1.39 -10.73 -23.31
N ARG D 91 -1.86 -11.38 -22.25
CA ARG D 91 -1.77 -10.81 -20.89
C ARG D 91 -0.35 -10.94 -20.30
N ILE D 92 0.26 -12.10 -20.53
CA ILE D 92 1.63 -12.35 -20.10
C ILE D 92 2.65 -11.64 -21.00
N GLY D 93 2.42 -11.68 -22.30
CA GLY D 93 3.30 -11.02 -23.24
C GLY D 93 3.28 -9.52 -23.07
N GLN D 94 2.11 -8.95 -22.81
CA GLN D 94 1.98 -7.49 -22.81
C GLN D 94 2.08 -6.87 -21.43
N CYS D 95 1.88 -7.68 -20.39
CA CYS D 95 1.75 -7.15 -19.04
C CYS D 95 2.76 -7.72 -18.06
N VAL D 96 3.40 -8.82 -18.45
CA VAL D 96 4.40 -9.47 -17.60
C VAL D 96 5.82 -9.43 -18.20
N LEU D 97 5.92 -9.71 -19.50
CA LEU D 97 7.18 -9.55 -20.22
C LEU D 97 7.65 -8.10 -20.20
N THR D 98 6.68 -7.18 -20.19
CA THR D 98 6.95 -5.74 -20.18
C THR D 98 7.20 -5.16 -18.78
N ALA D 99 6.86 -5.93 -17.75
CA ALA D 99 6.88 -5.45 -16.36
C ALA D 99 8.25 -5.64 -15.71
N PRO D 100 8.67 -4.68 -14.87
CA PRO D 100 10.00 -4.71 -14.23
C PRO D 100 10.29 -5.99 -13.45
N THR D 101 11.39 -6.63 -13.80
CA THR D 101 12.02 -7.72 -13.03
C THR D 101 11.31 -9.06 -13.00
N THR D 102 10.19 -9.18 -13.70
CA THR D 102 9.40 -10.41 -13.61
C THR D 102 10.05 -11.61 -14.32
N ALA D 103 9.70 -12.80 -13.86
CA ALA D 103 9.89 -14.03 -14.62
C ALA D 103 8.59 -14.80 -14.49
N VAL D 104 8.28 -15.66 -15.47
CA VAL D 104 7.08 -16.51 -15.37
C VAL D 104 7.37 -17.99 -15.35
N PHE D 105 6.63 -18.70 -14.50
CA PHE D 105 6.73 -20.13 -14.35
C PHE D 105 5.36 -20.77 -14.40
N ASN D 106 5.34 -22.05 -14.74
CA ASN D 106 4.10 -22.80 -14.89
C ASN D 106 3.48 -23.00 -13.51
N GLY D 107 2.24 -22.54 -13.33
CA GLY D 107 1.55 -22.75 -12.07
C GLY D 107 0.83 -24.08 -11.95
N LEU D 108 0.68 -24.78 -13.07
CA LEU D 108 0.03 -26.10 -13.12
C LEU D 108 0.87 -27.11 -13.90
N PRO D 109 2.03 -27.49 -13.34
CA PRO D 109 3.04 -28.26 -14.08
C PRO D 109 2.62 -29.69 -14.47
N GLU D 110 1.59 -30.22 -13.81
CA GLU D 110 1.15 -31.59 -14.07
C GLU D 110 -0.13 -31.71 -14.89
N ALA D 111 -0.75 -30.57 -15.18
CA ALA D 111 -1.97 -30.54 -15.99
C ALA D 111 -1.75 -31.22 -17.34
N GLU D 112 -2.82 -31.78 -17.90
CA GLU D 112 -2.77 -32.41 -19.19
C GLU D 112 -2.66 -31.38 -20.31
N LYS D 113 -3.52 -30.36 -20.26
CA LYS D 113 -3.42 -29.25 -21.22
C LYS D 113 -2.25 -28.36 -20.84
N GLN D 114 -1.35 -28.17 -21.80
CA GLN D 114 -0.16 -27.34 -21.61
C GLN D 114 -0.04 -26.40 -22.80
N ASP D 115 -0.22 -25.10 -22.55
CA ASP D 115 -0.04 -24.08 -23.57
C ASP D 115 1.44 -23.64 -23.56
N ASN D 116 2.08 -23.68 -24.72
CA ASN D 116 3.52 -23.45 -24.80
C ASN D 116 3.85 -21.96 -24.92
N VAL D 117 3.37 -21.17 -23.95
CA VAL D 117 3.46 -19.71 -23.99
C VAL D 117 4.91 -19.21 -23.95
N GLY D 118 5.77 -19.86 -23.17
CA GLY D 118 7.17 -19.49 -23.12
C GLY D 118 7.92 -19.63 -24.45
N PHE D 119 7.71 -20.77 -25.11
CA PHE D 119 8.20 -20.99 -26.48
C PHE D 119 7.77 -19.84 -27.39
N LYS D 120 6.48 -19.49 -27.33
CA LYS D 120 5.93 -18.46 -28.20
C LYS D 120 6.47 -17.07 -27.88
N LEU D 121 6.65 -16.79 -26.60
CA LEU D 121 7.13 -15.48 -26.16
C LEU D 121 8.59 -15.25 -26.50
N LYS D 122 9.36 -16.33 -26.63
CA LYS D 122 10.80 -16.23 -26.87
C LYS D 122 11.11 -15.59 -28.22
N PHE D 123 10.18 -15.68 -29.16
CA PHE D 123 10.38 -15.09 -30.48
C PHE D 123 10.54 -13.57 -30.43
N PHE D 124 10.10 -12.95 -29.35
CA PHE D 124 10.27 -11.51 -29.14
C PHE D 124 11.76 -11.14 -29.20
N ALA D 125 12.62 -12.11 -28.85
CA ALA D 125 14.06 -11.86 -28.79
C ALA D 125 14.70 -11.81 -30.17
N ASP D 126 13.99 -12.32 -31.18
CA ASP D 126 14.37 -12.10 -32.59
C ASP D 126 15.73 -12.75 -32.89
N GLY D 127 15.91 -13.99 -32.45
CA GLY D 127 17.17 -14.68 -32.66
C GLY D 127 18.11 -14.66 -31.47
N MET D 128 17.94 -13.70 -30.56
CA MET D 128 18.84 -13.55 -29.41
C MET D 128 18.44 -14.41 -28.21
N GLU D 129 17.31 -15.10 -28.31
CA GLU D 129 16.79 -15.93 -27.22
C GLU D 129 17.67 -17.14 -26.95
N SER D 130 17.51 -17.72 -25.78
CA SER D 130 18.23 -18.95 -25.45
C SER D 130 17.44 -19.79 -24.45
N GLU D 131 18.01 -20.94 -24.10
CA GLU D 131 17.34 -21.90 -23.26
C GLU D 131 18.19 -22.15 -22.03
N THR D 132 17.55 -22.27 -20.88
CA THR D 132 18.24 -22.61 -19.64
C THR D 132 17.38 -23.55 -18.80
N GLN D 133 17.82 -23.79 -17.57
CA GLN D 133 17.10 -24.65 -16.64
C GLN D 133 17.08 -24.01 -15.27
N ILE D 134 15.87 -23.74 -14.77
CA ILE D 134 15.68 -23.28 -13.40
C ILE D 134 14.94 -24.36 -12.61
N ALA D 135 15.59 -24.87 -11.55
CA ALA D 135 15.02 -25.89 -10.69
C ALA D 135 14.31 -27.00 -11.45
N GLY D 136 14.98 -27.50 -12.49
CA GLY D 136 14.46 -28.62 -13.25
C GLY D 136 13.49 -28.26 -14.36
N ARG D 137 13.19 -26.96 -14.53
CA ARG D 137 12.22 -26.51 -15.52
C ARG D 137 12.88 -25.96 -16.78
N LYS D 138 12.26 -26.22 -17.93
CA LYS D 138 12.74 -25.68 -19.20
C LYS D 138 12.29 -24.24 -19.35
N VAL D 139 13.26 -23.33 -19.38
CA VAL D 139 13.00 -21.88 -19.35
C VAL D 139 13.72 -21.18 -20.51
N TYR D 140 13.01 -20.26 -21.17
CA TYR D 140 13.61 -19.45 -22.23
C TYR D 140 14.06 -18.09 -21.72
N LYS D 141 15.25 -17.66 -22.13
CA LYS D 141 15.76 -16.33 -21.81
C LYS D 141 15.49 -15.38 -22.98
N VAL D 142 14.77 -14.30 -22.71
CA VAL D 142 14.50 -13.29 -23.72
C VAL D 142 15.21 -12.01 -23.32
N PRO D 143 16.31 -11.66 -24.01
CA PRO D 143 17.03 -10.42 -23.69
C PRO D 143 16.16 -9.21 -23.96
N ILE D 144 16.03 -8.36 -22.95
CA ILE D 144 15.30 -7.11 -23.08
C ILE D 144 16.07 -5.98 -22.39
N MET D 145 15.52 -4.78 -22.40
CA MET D 145 16.22 -3.59 -21.88
C MET D 145 16.69 -3.73 -20.43
N GLU D 146 15.86 -4.35 -19.59
CA GLU D 146 16.16 -4.47 -18.16
C GLU D 146 17.21 -5.53 -17.89
N GLY D 147 17.38 -6.47 -18.81
CA GLY D 147 18.14 -7.68 -18.56
C GLY D 147 17.52 -8.85 -19.32
N ASP D 148 17.42 -10.00 -18.67
CA ASP D 148 16.86 -11.19 -19.29
C ASP D 148 15.49 -11.52 -18.70
N PHE D 149 14.47 -11.58 -19.55
CA PHE D 149 13.17 -12.09 -19.15
C PHE D 149 13.16 -13.62 -19.26
N LEU D 150 12.85 -14.28 -18.14
CA LEU D 150 12.83 -15.74 -18.07
C LEU D 150 11.39 -16.24 -18.11
N ALA D 151 11.09 -17.14 -19.05
CA ALA D 151 9.73 -17.68 -19.17
C ALA D 151 9.75 -19.20 -19.37
N GLU D 152 9.13 -19.93 -18.45
CA GLU D 152 9.05 -21.38 -18.59
C GLU D 152 8.27 -21.73 -19.85
N GLU D 153 8.57 -22.90 -20.42
CA GLU D 153 8.02 -23.30 -21.72
C GLU D 153 6.50 -23.35 -21.76
N ASN D 154 5.91 -24.02 -20.77
CA ASN D 154 4.47 -24.26 -20.76
C ASN D 154 3.77 -23.58 -19.60
N ILE D 155 2.49 -23.30 -19.81
CA ILE D 155 1.60 -22.91 -18.72
C ILE D 155 0.41 -23.86 -18.73
N GLY D 156 0.26 -24.59 -17.62
CA GLY D 156 -0.81 -25.56 -17.49
C GLY D 156 -2.19 -24.95 -17.37
N ALA D 157 -3.22 -25.77 -17.65
CA ALA D 157 -4.61 -25.34 -17.53
C ALA D 157 -5.47 -26.56 -17.23
N ILE D 158 -6.60 -26.33 -16.59
CA ILE D 158 -7.58 -27.39 -16.33
C ILE D 158 -9.01 -26.89 -16.55
N ALA D 159 -9.95 -27.81 -16.54
CA ALA D 159 -11.36 -27.47 -16.39
C ALA D 159 -11.64 -27.23 -14.91
N GLY D 160 -11.82 -25.95 -14.57
CA GLY D 160 -12.11 -25.61 -13.19
C GLY D 160 -13.52 -25.08 -13.11
N ILE D 161 -13.76 -24.20 -12.14
CA ILE D 161 -15.10 -23.80 -11.76
C ILE D 161 -15.16 -22.30 -11.54
N ALA D 162 -16.12 -21.66 -12.20
CA ALA D 162 -16.37 -20.23 -11.99
C ALA D 162 -17.74 -19.98 -11.39
N GLY D 163 -17.80 -19.09 -10.40
CA GLY D 163 -19.09 -18.58 -9.97
C GLY D 163 -19.57 -19.09 -8.63
N GLY D 164 -18.70 -19.77 -7.89
CA GLY D 164 -18.94 -19.94 -6.46
C GLY D 164 -19.04 -18.59 -5.77
N ASN D 165 -19.92 -18.45 -4.79
CA ASN D 165 -20.20 -17.12 -4.25
C ASN D 165 -20.94 -17.12 -2.92
N PHE D 166 -20.94 -15.96 -2.27
CA PHE D 166 -21.89 -15.68 -1.21
C PHE D 166 -22.19 -14.20 -1.15
N PHE D 167 -23.37 -13.89 -0.61
CA PHE D 167 -23.85 -12.52 -0.47
C PHE D 167 -23.65 -12.09 0.98
N ILE D 168 -23.37 -10.81 1.17
CA ILE D 168 -23.25 -10.23 2.50
C ILE D 168 -24.28 -9.11 2.64
N PHE D 169 -25.25 -9.30 3.53
CA PHE D 169 -26.28 -8.31 3.83
C PHE D 169 -25.82 -7.48 5.04
N GLY D 170 -25.63 -6.18 4.83
CA GLY D 170 -25.22 -5.33 5.94
C GLY D 170 -26.25 -4.28 6.28
N ASP D 171 -26.19 -3.77 7.51
CA ASP D 171 -27.06 -2.66 7.91
C ASP D 171 -26.72 -1.37 7.20
N SER D 172 -25.46 -1.22 6.80
CA SER D 172 -25.01 -0.08 6.02
C SER D 172 -24.07 -0.53 4.91
N GLN D 173 -23.82 0.35 3.96
CA GLN D 173 -22.94 0.03 2.85
C GLN D 173 -21.54 -0.32 3.33
N MET D 174 -21.01 0.48 4.25
CA MET D 174 -19.65 0.29 4.70
C MET D 174 -19.46 -0.90 5.64
N THR D 175 -20.53 -1.28 6.34
CA THR D 175 -20.57 -2.54 7.08
C THR D 175 -20.43 -3.72 6.12
N ALA D 176 -21.28 -3.76 5.09
CA ALA D 176 -21.24 -4.84 4.10
C ALA D 176 -19.91 -4.86 3.35
N LEU D 177 -19.38 -3.68 3.02
CA LEU D 177 -18.15 -3.61 2.24
C LEU D 177 -16.93 -4.02 3.07
N THR D 178 -16.93 -3.70 4.35
CA THR D 178 -15.82 -4.07 5.23
C THR D 178 -15.79 -5.58 5.46
N ALA D 179 -16.98 -6.17 5.61
CA ALA D 179 -17.11 -7.63 5.67
C ALA D 179 -16.61 -8.28 4.39
N ALA D 180 -16.91 -7.68 3.24
CA ALA D 180 -16.44 -8.20 1.95
C ALA D 180 -14.92 -8.05 1.81
N GLU D 181 -14.38 -6.93 2.29
CA GLU D 181 -12.94 -6.70 2.28
C GLU D 181 -12.22 -7.75 3.13
N ALA D 182 -12.72 -7.97 4.34
CA ALA D 182 -12.18 -8.99 5.23
C ALA D 182 -12.25 -10.37 4.60
N ALA D 183 -13.39 -10.68 3.97
CA ALA D 183 -13.56 -11.94 3.24
C ALA D 183 -12.51 -12.10 2.13
N VAL D 184 -12.31 -11.06 1.32
CA VAL D 184 -11.42 -11.14 0.16
C VAL D 184 -9.94 -11.29 0.55
N ASP D 185 -9.53 -10.64 1.64
CA ASP D 185 -8.16 -10.77 2.14
C ASP D 185 -7.90 -12.19 2.61
N THR D 186 -8.92 -12.81 3.21
CA THR D 186 -8.85 -14.18 3.68
C THR D 186 -8.72 -15.17 2.52
N ILE D 187 -9.55 -15.00 1.50
CA ILE D 187 -9.52 -15.85 0.33
C ILE D 187 -8.21 -15.69 -0.46
N ALA D 188 -7.64 -14.49 -0.43
CA ALA D 188 -6.32 -14.24 -1.03
C ALA D 188 -5.17 -14.98 -0.32
N GLU D 189 -5.47 -15.58 0.83
CA GLU D 189 -4.52 -16.40 1.57
C GLU D 189 -4.54 -17.82 1.06
N LEU D 190 -5.65 -18.18 0.42
CA LEU D 190 -5.92 -19.59 0.12
C LEU D 190 -5.50 -20.02 -1.28
N GLU D 191 -4.96 -21.23 -1.37
CA GLU D 191 -4.54 -21.81 -2.63
C GLU D 191 -5.74 -22.28 -3.46
N GLY D 192 -5.65 -22.10 -4.77
CA GLY D 192 -6.61 -22.68 -5.69
C GLY D 192 -7.83 -21.84 -6.03
N THR D 193 -7.95 -20.66 -5.43
CA THR D 193 -9.08 -19.77 -5.69
C THR D 193 -8.70 -18.34 -6.01
N ILE D 194 -9.49 -17.70 -6.86
CA ILE D 194 -9.36 -16.27 -7.13
C ILE D 194 -10.73 -15.61 -6.93
N THR D 195 -10.71 -14.28 -6.79
CA THR D 195 -11.94 -13.50 -6.73
C THR D 195 -11.86 -12.38 -7.77
N PRO D 196 -12.42 -12.62 -8.98
CA PRO D 196 -12.04 -11.86 -10.18
C PRO D 196 -12.61 -10.45 -10.27
N PHE D 197 -13.64 -10.16 -9.47
CA PHE D 197 -14.27 -8.84 -9.52
C PHE D 197 -13.39 -7.77 -8.90
N PRO D 198 -13.73 -6.48 -9.08
CA PRO D 198 -12.82 -5.41 -8.65
C PRO D 198 -12.55 -5.40 -7.15
N GLY D 199 -11.29 -5.62 -6.79
CA GLY D 199 -10.94 -5.82 -5.38
C GLY D 199 -11.56 -7.08 -4.82
N GLY D 200 -11.93 -8.01 -5.68
CA GLY D 200 -12.52 -9.27 -5.25
C GLY D 200 -14.04 -9.23 -5.04
N ILE D 201 -14.62 -8.05 -5.19
CA ILE D 201 -15.96 -7.78 -4.66
C ILE D 201 -16.96 -7.38 -5.75
N VAL D 202 -18.16 -7.95 -5.70
CA VAL D 202 -19.26 -7.62 -6.62
C VAL D 202 -20.21 -6.58 -6.00
N ALA D 203 -20.26 -5.40 -6.60
CA ALA D 203 -21.12 -4.33 -6.08
C ALA D 203 -22.46 -4.31 -6.81
N SER D 204 -22.50 -4.95 -7.98
CA SER D 204 -23.65 -4.87 -8.88
C SER D 204 -24.60 -6.05 -8.71
N GLY D 205 -24.12 -7.25 -9.00
CA GLY D 205 -24.98 -8.43 -9.02
C GLY D 205 -25.84 -8.46 -10.26
N SER D 206 -26.43 -9.61 -10.57
CA SER D 206 -27.24 -9.73 -11.78
C SER D 206 -28.25 -10.88 -11.77
N LYS D 207 -29.32 -10.70 -12.55
CA LYS D 207 -30.20 -11.79 -12.91
C LYS D 207 -30.04 -12.12 -14.41
N SER D 208 -30.33 -13.36 -14.78
CA SER D 208 -30.39 -13.75 -16.20
C SER D 208 -31.59 -13.07 -16.84
N GLY D 209 -31.35 -12.36 -17.94
CA GLY D 209 -32.44 -11.76 -18.69
C GLY D 209 -32.85 -10.40 -18.17
N ALA D 210 -34.05 -9.98 -18.55
CA ALA D 210 -34.55 -8.66 -18.26
C ALA D 210 -36.07 -8.66 -18.18
N ASN D 211 -36.61 -7.75 -17.37
CA ASN D 211 -38.05 -7.55 -17.29
C ASN D 211 -38.49 -6.58 -18.37
N LYS D 212 -37.61 -5.65 -18.74
CA LYS D 212 -37.96 -4.57 -19.65
C LYS D 212 -37.06 -4.53 -20.89
N TYR D 213 -35.75 -4.38 -20.67
CA TYR D 213 -34.82 -4.28 -21.77
C TYR D 213 -34.34 -5.67 -22.20
N LYS D 214 -35.13 -6.33 -23.05
CA LYS D 214 -34.89 -7.72 -23.42
C LYS D 214 -33.71 -7.92 -24.38
N PHE D 215 -33.21 -6.83 -24.95
CA PHE D 215 -31.99 -6.89 -25.75
C PHE D 215 -30.76 -7.17 -24.88
N LEU D 216 -30.99 -7.30 -23.57
CA LEU D 216 -29.92 -7.53 -22.60
C LEU D 216 -29.89 -8.97 -22.08
N LYS D 217 -28.68 -9.50 -22.02
CA LYS D 217 -28.42 -10.87 -21.59
C LYS D 217 -28.63 -10.98 -20.06
N ALA D 218 -28.26 -9.92 -19.35
CA ALA D 218 -28.32 -9.90 -17.90
C ALA D 218 -28.56 -8.47 -17.40
N THR D 219 -29.32 -8.33 -16.32
CA THR D 219 -29.60 -7.03 -15.74
C THR D 219 -29.51 -7.09 -14.21
N ALA D 220 -29.50 -5.92 -13.58
CA ALA D 220 -29.50 -5.86 -12.12
C ALA D 220 -30.69 -6.63 -11.56
N ASN D 221 -30.43 -7.48 -10.57
CA ASN D 221 -31.49 -8.15 -9.84
C ASN D 221 -32.16 -7.20 -8.86
N GLU D 222 -33.34 -6.69 -9.25
CA GLU D 222 -34.04 -5.67 -8.48
C GLU D 222 -34.52 -6.16 -7.10
N ARG D 223 -34.57 -7.47 -6.92
CA ARG D 223 -34.93 -8.08 -5.64
C ARG D 223 -33.80 -7.95 -4.62
N PHE D 224 -32.60 -7.64 -5.09
CA PHE D 224 -31.45 -7.50 -4.18
C PHE D 224 -30.89 -6.09 -4.19
N CYS D 225 -31.67 -5.15 -4.71
CA CYS D 225 -31.29 -3.73 -4.70
C CYS D 225 -31.97 -2.99 -3.55
N PRO D 226 -31.21 -2.68 -2.48
CA PRO D 226 -31.75 -2.07 -1.27
C PRO D 226 -32.33 -0.67 -1.51
N SER D 227 -31.75 0.02 -2.50
CA SER D 227 -32.17 1.37 -2.90
C SER D 227 -33.66 1.46 -3.27
N ILE D 228 -34.19 0.36 -3.82
CA ILE D 228 -35.55 0.37 -4.34
C ILE D 228 -36.40 -0.76 -3.75
N LYS D 229 -36.03 -1.23 -2.56
CA LYS D 229 -36.70 -2.37 -1.94
C LYS D 229 -38.18 -2.13 -1.65
N ASP D 230 -38.55 -0.86 -1.45
CA ASP D 230 -39.95 -0.48 -1.21
C ASP D 230 -40.76 -0.38 -2.50
N LYS D 231 -40.08 -0.40 -3.65
CA LYS D 231 -40.73 -0.38 -4.97
C LYS D 231 -40.89 -1.80 -5.55
N ILE D 232 -40.29 -2.77 -4.88
CA ILE D 232 -40.25 -4.14 -5.41
C ILE D 232 -40.95 -5.07 -4.44
N GLU D 233 -42.17 -5.46 -4.79
CA GLU D 233 -43.00 -6.33 -3.95
C GLU D 233 -42.28 -7.64 -3.64
N ASN D 234 -41.27 -7.94 -4.46
CA ASN D 234 -40.61 -9.23 -4.51
C ASN D 234 -39.29 -9.26 -3.70
N THR D 235 -39.00 -8.16 -2.99
CA THR D 235 -37.66 -7.90 -2.47
C THR D 235 -37.12 -8.93 -1.48
N GLU D 236 -35.83 -9.27 -1.64
CA GLU D 236 -35.13 -10.12 -0.70
C GLU D 236 -34.37 -9.29 0.36
N ILE D 237 -34.54 -7.97 0.29
CA ILE D 237 -33.85 -7.07 1.21
C ILE D 237 -34.73 -6.72 2.41
N PRO D 238 -34.33 -7.15 3.62
CA PRO D 238 -35.03 -6.79 4.86
C PRO D 238 -35.01 -5.29 5.09
N ALA D 239 -35.85 -4.81 6.01
CA ALA D 239 -35.91 -3.39 6.31
C ALA D 239 -34.64 -2.88 6.99
N ASP D 240 -33.95 -3.76 7.69
CA ASP D 240 -32.75 -3.39 8.45
C ASP D 240 -31.44 -3.58 7.67
N VAL D 241 -31.55 -3.97 6.41
CA VAL D 241 -30.40 -4.10 5.52
C VAL D 241 -30.41 -2.98 4.50
N ASN D 242 -29.24 -2.35 4.31
CA ASN D 242 -29.13 -1.23 3.38
C ASN D 242 -28.18 -1.45 2.21
N ALA D 243 -27.38 -2.51 2.27
CA ALA D 243 -26.43 -2.82 1.21
C ALA D 243 -26.14 -4.31 1.16
N VAL D 244 -25.92 -4.82 -0.06
CA VAL D 244 -25.53 -6.20 -0.27
C VAL D 244 -24.25 -6.21 -1.09
N TYR D 245 -23.31 -7.05 -0.72
CA TYR D 245 -22.14 -7.31 -1.55
C TYR D 245 -21.98 -8.79 -1.82
N GLU D 246 -21.53 -9.12 -3.02
CA GLU D 246 -21.25 -10.50 -3.38
C GLU D 246 -19.76 -10.72 -3.56
N ILE D 247 -19.27 -11.86 -3.07
CA ILE D 247 -17.93 -12.34 -3.41
C ILE D 247 -18.12 -13.46 -4.42
N VAL D 248 -17.58 -13.27 -5.64
CA VAL D 248 -17.50 -14.36 -6.62
C VAL D 248 -16.12 -15.01 -6.59
N ILE D 249 -16.10 -16.33 -6.58
CA ILE D 249 -14.90 -17.13 -6.38
C ILE D 249 -14.77 -18.13 -7.52
N ASN D 250 -13.68 -18.04 -8.27
CA ASN D 250 -13.33 -19.10 -9.23
C ASN D 250 -12.25 -19.97 -8.60
N GLY D 251 -12.12 -21.20 -9.09
CA GLY D 251 -11.20 -22.13 -8.46
C GLY D 251 -10.91 -23.39 -9.24
N LEU D 252 -9.87 -24.10 -8.80
CA LEU D 252 -9.36 -25.27 -9.50
C LEU D 252 -10.24 -26.51 -9.33
N ASP D 253 -10.84 -26.65 -8.14
CA ASP D 253 -11.76 -27.74 -7.84
C ASP D 253 -12.84 -27.30 -6.85
N GLU D 254 -13.76 -28.21 -6.56
CA GLU D 254 -14.84 -27.93 -5.63
C GLU D 254 -14.33 -27.65 -4.22
N GLU D 255 -13.38 -28.46 -3.76
CA GLU D 255 -12.87 -28.37 -2.39
C GLU D 255 -12.25 -26.99 -2.09
N SER D 256 -11.50 -26.46 -3.05
CA SER D 256 -10.82 -25.18 -2.86
C SER D 256 -11.83 -24.03 -2.90
N ILE D 257 -12.87 -24.16 -3.71
CA ILE D 257 -13.97 -23.20 -3.70
C ILE D 257 -14.78 -23.23 -2.41
N LYS D 258 -15.06 -24.43 -1.91
CA LYS D 258 -15.74 -24.59 -0.62
C LYS D 258 -14.94 -23.95 0.51
N ALA D 259 -13.62 -24.17 0.53
CA ALA D 259 -12.77 -23.62 1.57
C ALA D 259 -12.78 -22.09 1.55
N ALA D 260 -12.80 -21.52 0.35
CA ALA D 260 -12.81 -20.06 0.21
C ALA D 260 -14.17 -19.49 0.63
N MET D 261 -15.25 -20.15 0.20
CA MET D 261 -16.60 -19.80 0.63
C MET D 261 -16.73 -19.87 2.14
N LYS D 262 -16.17 -20.93 2.73
CA LYS D 262 -16.25 -21.10 4.18
C LYS D 262 -15.45 -20.03 4.93
N ALA D 263 -14.17 -19.88 4.58
CA ALA D 263 -13.29 -18.88 5.21
C ALA D 263 -13.79 -17.46 4.96
N GLY D 264 -14.31 -17.21 3.76
CA GLY D 264 -14.86 -15.90 3.43
C GLY D 264 -16.06 -15.53 4.28
N ILE D 265 -16.99 -16.47 4.47
CA ILE D 265 -18.15 -16.23 5.32
C ILE D 265 -17.74 -16.04 6.80
N LYS D 266 -16.81 -16.84 7.27
CA LYS D 266 -16.40 -16.75 8.68
C LYS D 266 -15.70 -15.44 9.00
N ALA D 267 -15.04 -14.85 8.00
CA ALA D 267 -14.44 -13.52 8.15
C ALA D 267 -15.50 -12.42 8.07
N ALA D 268 -16.41 -12.57 7.11
CA ALA D 268 -17.48 -11.60 6.90
C ALA D 268 -18.31 -11.37 8.15
N VAL D 269 -18.63 -12.44 8.86
CA VAL D 269 -19.54 -12.35 9.99
C VAL D 269 -18.88 -11.81 11.27
N THR D 270 -17.60 -11.43 11.20
CA THR D 270 -16.92 -10.76 12.33
C THR D 270 -17.15 -9.25 12.36
N VAL D 271 -17.73 -8.70 11.29
CA VAL D 271 -17.98 -7.28 11.21
C VAL D 271 -19.35 -6.96 11.79
N PRO D 272 -19.40 -6.10 12.83
CA PRO D 272 -20.66 -5.68 13.46
C PRO D 272 -21.64 -5.05 12.47
N GLY D 273 -22.90 -5.45 12.56
CA GLY D 273 -23.91 -4.89 11.66
C GLY D 273 -24.24 -5.74 10.44
N VAL D 274 -23.45 -6.79 10.21
CA VAL D 274 -23.79 -7.76 9.16
C VAL D 274 -25.06 -8.51 9.58
N LYS D 275 -26.04 -8.57 8.68
CA LYS D 275 -27.37 -9.07 9.02
C LYS D 275 -27.60 -10.52 8.60
N LYS D 276 -27.05 -10.89 7.45
CA LYS D 276 -27.34 -12.20 6.86
C LYS D 276 -26.32 -12.53 5.78
N ILE D 277 -26.03 -13.82 5.64
CA ILE D 277 -25.23 -14.34 4.55
C ILE D 277 -26.15 -15.16 3.65
N SER D 278 -25.96 -15.02 2.35
CA SER D 278 -26.69 -15.84 1.38
C SER D 278 -25.76 -16.23 0.22
N ALA D 279 -26.37 -16.57 -0.91
CA ALA D 279 -25.64 -16.95 -2.12
C ALA D 279 -26.53 -16.79 -3.33
N GLY D 280 -25.92 -16.67 -4.50
CA GLY D 280 -26.68 -16.50 -5.72
C GLY D 280 -26.72 -17.80 -6.50
N ASN D 281 -27.90 -18.16 -6.99
CA ASN D 281 -28.03 -19.34 -7.83
C ASN D 281 -29.03 -19.11 -8.94
N TYR D 282 -29.13 -20.09 -9.84
CA TYR D 282 -30.01 -19.91 -10.99
C TYR D 282 -31.06 -21.02 -11.07
N GLY D 283 -31.76 -21.24 -9.95
CA GLY D 283 -32.76 -22.29 -9.86
C GLY D 283 -32.22 -23.71 -9.90
N GLY D 284 -30.92 -23.85 -10.18
CA GLY D 284 -30.34 -25.16 -10.42
C GLY D 284 -30.35 -25.53 -11.89
N LYS D 285 -30.76 -24.57 -12.73
CA LYS D 285 -31.06 -24.84 -14.13
C LYS D 285 -30.09 -24.15 -15.09
N LEU D 286 -28.85 -23.92 -14.65
CA LEU D 286 -27.83 -23.25 -15.47
C LEU D 286 -26.41 -23.75 -15.23
N GLY D 287 -26.14 -24.33 -14.06
CA GLY D 287 -24.76 -24.65 -13.71
C GLY D 287 -24.57 -26.03 -13.13
N LYS D 288 -23.50 -26.69 -13.57
CA LYS D 288 -23.17 -28.05 -13.13
C LYS D 288 -22.99 -28.13 -11.61
N TYR D 289 -22.60 -27.01 -11.00
CA TYR D 289 -22.18 -26.99 -9.61
C TYR D 289 -23.14 -26.24 -8.68
N GLN D 290 -23.33 -26.78 -7.48
CA GLN D 290 -24.17 -26.16 -6.47
C GLN D 290 -23.55 -26.32 -5.09
N PHE D 291 -23.05 -25.21 -4.56
CA PHE D 291 -22.40 -25.21 -3.26
C PHE D 291 -23.39 -24.77 -2.20
N LYS D 292 -23.87 -25.74 -1.43
CA LYS D 292 -24.82 -25.48 -0.35
C LYS D 292 -24.11 -24.83 0.83
N LEU D 293 -24.60 -23.66 1.23
CA LEU D 293 -24.01 -22.89 2.32
C LEU D 293 -23.94 -23.67 3.64
N HIS D 294 -25.05 -24.28 4.03
CA HIS D 294 -25.13 -25.04 5.28
C HIS D 294 -24.19 -26.24 5.30
N GLU D 295 -23.87 -26.74 4.11
CA GLU D 295 -23.01 -27.90 3.99
C GLU D 295 -21.52 -27.56 4.08
N LEU D 296 -21.19 -26.27 4.12
CA LEU D 296 -19.82 -25.81 4.31
C LEU D 296 -19.35 -26.00 5.74
N PHE D 297 -20.29 -25.92 6.68
CA PHE D 297 -19.94 -25.94 8.09
C PHE D 297 -20.21 -27.31 8.71
#